data_6QIQ
# 
_entry.id   6QIQ 
# 
_audit_conform.dict_name       mmcif_pdbx.dic 
_audit_conform.dict_version    5.392 
_audit_conform.dict_location   http://mmcif.pdb.org/dictionaries/ascii/mmcif_pdbx.dic 
# 
loop_
_database_2.database_id 
_database_2.database_code 
_database_2.pdbx_database_accession 
_database_2.pdbx_DOI 
PDB   6QIQ         pdb_00006qiq 10.2210/pdb6qiq/pdb 
WWPDB D_1292100181 ?            ?                   
# 
loop_
_pdbx_audit_revision_history.ordinal 
_pdbx_audit_revision_history.data_content_type 
_pdbx_audit_revision_history.major_revision 
_pdbx_audit_revision_history.minor_revision 
_pdbx_audit_revision_history.revision_date 
1 'Structure model' 1 0 2019-09-25 
2 'Structure model' 1 1 2019-10-09 
3 'Structure model' 1 2 2019-11-20 
4 'Structure model' 1 3 2024-05-15 
# 
_pdbx_audit_revision_details.ordinal             1 
_pdbx_audit_revision_details.revision_ordinal    1 
_pdbx_audit_revision_details.data_content_type   'Structure model' 
_pdbx_audit_revision_details.provider            repository 
_pdbx_audit_revision_details.type                'Initial release' 
_pdbx_audit_revision_details.description         ? 
_pdbx_audit_revision_details.details             ? 
# 
loop_
_pdbx_audit_revision_group.ordinal 
_pdbx_audit_revision_group.revision_ordinal 
_pdbx_audit_revision_group.data_content_type 
_pdbx_audit_revision_group.group 
1 2 'Structure model' 'Data collection'     
2 2 'Structure model' 'Database references' 
3 3 'Structure model' 'Database references' 
4 4 'Structure model' 'Data collection'     
5 4 'Structure model' 'Database references' 
# 
loop_
_pdbx_audit_revision_category.ordinal 
_pdbx_audit_revision_category.revision_ordinal 
_pdbx_audit_revision_category.data_content_type 
_pdbx_audit_revision_category.category 
1 2 'Structure model' citation       
2 3 'Structure model' citation       
3 4 'Structure model' chem_comp_atom 
4 4 'Structure model' chem_comp_bond 
5 4 'Structure model' database_2     
# 
loop_
_pdbx_audit_revision_item.ordinal 
_pdbx_audit_revision_item.revision_ordinal 
_pdbx_audit_revision_item.data_content_type 
_pdbx_audit_revision_item.item 
1 2 'Structure model' '_citation.pdbx_database_id_DOI'      
2 2 'Structure model' '_citation.pdbx_database_id_PubMed'   
3 2 'Structure model' '_citation.title'                     
4 3 'Structure model' '_citation.journal_volume'            
5 3 'Structure model' '_citation.page_first'                
6 3 'Structure model' '_citation.page_last'                 
7 4 'Structure model' '_database_2.pdbx_DOI'                
8 4 'Structure model' '_database_2.pdbx_database_accession' 
# 
_pdbx_database_status.status_code                     REL 
_pdbx_database_status.status_code_sf                  REL 
_pdbx_database_status.status_code_mr                  ? 
_pdbx_database_status.entry_id                        6QIQ 
_pdbx_database_status.recvd_initial_deposition_date   2019-01-21 
_pdbx_database_status.SG_entry                        N 
_pdbx_database_status.deposit_site                    PDBE 
_pdbx_database_status.process_site                    PDBE 
_pdbx_database_status.status_code_cs                  ? 
_pdbx_database_status.methods_development_category    ? 
_pdbx_database_status.pdb_format_compatible           Y 
_pdbx_database_status.status_code_nmr_data            ? 
# 
loop_
_audit_author.name 
_audit_author.pdbx_ordinal 
_audit_author.identifier_ORCID 
'Kiliszek, A.'   1 ? 
'Blaszczyk, L.'  2 ? 
'Rypniewski, W.' 3 ? 
'Micura, R.'     4 ? 
'Nakatani, K.'   5 ? 
# 
_citation.abstract                  ? 
_citation.abstract_id_CAS           ? 
_citation.book_id_ISBN              ? 
_citation.book_publisher            ? 
_citation.book_publisher_city       ? 
_citation.book_title                ? 
_citation.coordinate_linkage        ? 
_citation.country                   UK 
_citation.database_id_Medline       ? 
_citation.details                   ? 
_citation.id                        primary 
_citation.journal_abbrev            'Nucleic Acids Res.' 
_citation.journal_id_ASTM           NARHAD 
_citation.journal_id_CSD            0389 
_citation.journal_id_ISSN           1362-4962 
_citation.journal_full              ? 
_citation.journal_issue             ? 
_citation.journal_volume            47 
_citation.language                  ? 
_citation.page_first                10906 
_citation.page_last                 10913 
_citation.title                     
'Structural insights into synthetic ligands targeting A-A pairs in disease-related CAG RNA repeats.' 
_citation.year                      2019 
_citation.database_id_CSD           ? 
_citation.pdbx_database_id_DOI      10.1093/nar/gkz832 
_citation.pdbx_database_id_PubMed   31566242 
_citation.unpublished_flag          ? 
# 
loop_
_citation_author.citation_id 
_citation_author.name 
_citation_author.ordinal 
_citation_author.identifier_ORCID 
primary 'Mukherjee, S.'    1 ? 
primary 'Blaszczyk, L.'    2 ? 
primary 'Rypniewski, W.'   3 ? 
primary 'Falschlunger, C.' 4 ? 
primary 'Micura, R.'       5 ? 
primary 'Murata, A.'       6 ? 
primary 'Dohno, C.'        7 ? 
primary 'Nakatani, K.'     8 ? 
primary 'Kiliszek, A.'     9 ? 
# 
loop_
_entity.id 
_entity.type 
_entity.src_method 
_entity.pdbx_description 
_entity.formula_weight 
_entity.pdbx_number_of_molecules 
_entity.pdbx_ec 
_entity.pdbx_mutation 
_entity.pdbx_fragment 
_entity.details 
1 polymer     syn 
;RNA (5'-R(*GP*CP*AP*G)-D(P*(CSL))-R(P*AP*GP*C)-3')
;
2641.604 2 ? ? ? ? 
2 non-polymer syn CMBL3a                                               500.529  2 ? ? ? ? 
3 water       nat water                                                18.015   6 ? ? ? ? 
# 
_entity_poly.entity_id                      1 
_entity_poly.type                           polyribonucleotide 
_entity_poly.nstd_linkage                   no 
_entity_poly.nstd_monomer                   yes 
_entity_poly.pdbx_seq_one_letter_code       'GCAG(CSL)AGC' 
_entity_poly.pdbx_seq_one_letter_code_can   GCAGCAGC 
_entity_poly.pdbx_strand_id                 A,B 
_entity_poly.pdbx_target_identifier         ? 
# 
loop_
_pdbx_entity_nonpoly.entity_id 
_pdbx_entity_nonpoly.name 
_pdbx_entity_nonpoly.comp_id 
2 CMBL3a J48 
3 water  HOH 
# 
loop_
_entity_poly_seq.entity_id 
_entity_poly_seq.num 
_entity_poly_seq.mon_id 
_entity_poly_seq.hetero 
1 1 G   n 
1 2 C   n 
1 3 A   n 
1 4 G   n 
1 5 CSL n 
1 6 A   n 
1 7 G   n 
1 8 C   n 
# 
_pdbx_entity_src_syn.entity_id              1 
_pdbx_entity_src_syn.pdbx_src_id            1 
_pdbx_entity_src_syn.pdbx_alt_source_flag   sample 
_pdbx_entity_src_syn.pdbx_beg_seq_num       1 
_pdbx_entity_src_syn.pdbx_end_seq_num       8 
_pdbx_entity_src_syn.organism_scientific    'Homo sapiens' 
_pdbx_entity_src_syn.organism_common_name   Human 
_pdbx_entity_src_syn.ncbi_taxonomy_id       9606 
_pdbx_entity_src_syn.details                ? 
# 
loop_
_chem_comp.id 
_chem_comp.type 
_chem_comp.mon_nstd_flag 
_chem_comp.name 
_chem_comp.pdbx_synonyms 
_chem_comp.formula 
_chem_comp.formula_weight 
A   'RNA linking' y "ADENOSINE-5'-MONOPHOSPHATE"                         ?                                                
'C10 H14 N5 O7 P'    347.221 
C   'RNA linking' y "CYTIDINE-5'-MONOPHOSPHATE"                          ?                                                
'C9 H14 N3 O8 P'     323.197 
CSL 'DNA linking' n "(D)-2'-METHYLSELENYL-2'-DEOXYCYTIDINE-5'-PHOSPHATE" "(D)-2'-DEOXY-2'-SE-METHYLCYTIDINE-5'-PHOSPHATE" 
'C10 H16 N3 O7 P Se' 400.184 
G   'RNA linking' y "GUANOSINE-5'-MONOPHOSPHATE"                         ?                                                
'C10 H14 N5 O8 P'    363.221 
HOH non-polymer   . WATER                                                ?                                                'H2 O' 
18.015  
J48 non-polymer   . CMBL3a                                               ?                                                
'C26 H26 N7 O4 1'    500.529 
# 
loop_
_pdbx_poly_seq_scheme.asym_id 
_pdbx_poly_seq_scheme.entity_id 
_pdbx_poly_seq_scheme.seq_id 
_pdbx_poly_seq_scheme.mon_id 
_pdbx_poly_seq_scheme.ndb_seq_num 
_pdbx_poly_seq_scheme.pdb_seq_num 
_pdbx_poly_seq_scheme.auth_seq_num 
_pdbx_poly_seq_scheme.pdb_mon_id 
_pdbx_poly_seq_scheme.auth_mon_id 
_pdbx_poly_seq_scheme.pdb_strand_id 
_pdbx_poly_seq_scheme.pdb_ins_code 
_pdbx_poly_seq_scheme.hetero 
A 1 1 G   1 1 1 G   G   A . n 
A 1 2 C   2 2 2 C   C   A . n 
A 1 3 A   3 3 3 A   A   A . n 
A 1 4 G   4 4 4 G   G   A . n 
A 1 5 CSL 5 5 5 CSL CSL A . n 
A 1 6 A   6 6 6 A   A   A . n 
A 1 7 G   7 7 7 G   G   A . n 
A 1 8 C   8 8 8 C   C   A . n 
B 1 1 G   1 1 1 G   G   B . n 
B 1 2 C   2 2 2 C   C   B . n 
B 1 3 A   3 3 3 A   A   B . n 
B 1 4 G   4 4 4 G   G   B . n 
B 1 5 CSL 5 5 5 CSL CSL B . n 
B 1 6 A   6 6 6 A   A   B . n 
B 1 7 G   7 7 7 G   G   B . n 
B 1 8 C   8 8 8 C   C   B . n 
# 
loop_
_pdbx_nonpoly_scheme.asym_id 
_pdbx_nonpoly_scheme.entity_id 
_pdbx_nonpoly_scheme.mon_id 
_pdbx_nonpoly_scheme.ndb_seq_num 
_pdbx_nonpoly_scheme.pdb_seq_num 
_pdbx_nonpoly_scheme.auth_seq_num 
_pdbx_nonpoly_scheme.pdb_mon_id 
_pdbx_nonpoly_scheme.auth_mon_id 
_pdbx_nonpoly_scheme.pdb_strand_id 
_pdbx_nonpoly_scheme.pdb_ins_code 
C 2 J48 1 101 2 J48 MBL A . 
D 2 J48 1 101 1 J48 MBL B . 
E 3 HOH 1 201 1 HOH HOH A . 
E 3 HOH 2 202 4 HOH HOH A . 
F 3 HOH 1 201 6 HOH HOH B . 
F 3 HOH 2 202 3 HOH HOH B . 
F 3 HOH 3 203 2 HOH HOH B . 
F 3 HOH 4 204 5 HOH HOH B . 
# 
loop_
_software.citation_id 
_software.classification 
_software.compiler_name 
_software.compiler_version 
_software.contact_author 
_software.contact_author_email 
_software.date 
_software.description 
_software.dependencies 
_software.hardware 
_software.language 
_software.location 
_software.mods 
_software.name 
_software.os 
_software.os_version 
_software.type 
_software.version 
_software.pdbx_ordinal 
? refinement       ? ? ? ? ? ? ? ? ? ? ? PHENIX        ? ? ? '(1.13_2998: ???)' 1 
? 'data reduction' ? ? ? ? ? ? ? ? ? ? ? XDS           ? ? ? .                  2 
? 'data scaling'   ? ? ? ? ? ? ? ? ? ? ? XDS           ? ? ? .                  3 
? phasing          ? ? ? ? ? ? ? ? ? ? ? Auto-Rickshaw ? ? ? .                  4 
# 
_cell.angle_alpha                  90.00 
_cell.angle_alpha_esd              ? 
_cell.angle_beta                   90.00 
_cell.angle_beta_esd               ? 
_cell.angle_gamma                  120.00 
_cell.angle_gamma_esd              ? 
_cell.entry_id                     6QIQ 
_cell.details                      ? 
_cell.formula_units_Z              ? 
_cell.length_a                     46.866 
_cell.length_a_esd                 ? 
_cell.length_b                     46.866 
_cell.length_b_esd                 ? 
_cell.length_c                     214.028 
_cell.length_c_esd                 ? 
_cell.volume                       ? 
_cell.volume_esd                   ? 
_cell.Z_PDB                        24 
_cell.reciprocal_angle_alpha       ? 
_cell.reciprocal_angle_beta        ? 
_cell.reciprocal_angle_gamma       ? 
_cell.reciprocal_angle_alpha_esd   ? 
_cell.reciprocal_angle_beta_esd    ? 
_cell.reciprocal_angle_gamma_esd   ? 
_cell.reciprocal_length_a          ? 
_cell.reciprocal_length_b          ? 
_cell.reciprocal_length_c          ? 
_cell.reciprocal_length_a_esd      ? 
_cell.reciprocal_length_b_esd      ? 
_cell.reciprocal_length_c_esd      ? 
_cell.pdbx_unique_axis             ? 
# 
_symmetry.entry_id                         6QIQ 
_symmetry.cell_setting                     ? 
_symmetry.Int_Tables_number                179 
_symmetry.space_group_name_Hall            ? 
_symmetry.space_group_name_H-M             'P 65 2 2' 
_symmetry.pdbx_full_space_group_name_H-M   ? 
# 
_exptl.absorpt_coefficient_mu     ? 
_exptl.absorpt_correction_T_max   ? 
_exptl.absorpt_correction_T_min   ? 
_exptl.absorpt_correction_type    ? 
_exptl.absorpt_process_details    ? 
_exptl.entry_id                   6QIQ 
_exptl.crystals_number            1 
_exptl.details                    ? 
_exptl.method                     'X-RAY DIFFRACTION' 
_exptl.method_details             ? 
# 
_exptl_crystal.colour                      ? 
_exptl_crystal.density_diffrn              ? 
_exptl_crystal.density_Matthews            ? 
_exptl_crystal.density_method              ? 
_exptl_crystal.density_percent_sol         ? 
_exptl_crystal.description                 ? 
_exptl_crystal.F_000                       ? 
_exptl_crystal.id                          1 
_exptl_crystal.preparation                 ? 
_exptl_crystal.size_max                    ? 
_exptl_crystal.size_mid                    ? 
_exptl_crystal.size_min                    ? 
_exptl_crystal.size_rad                    ? 
_exptl_crystal.colour_lustre               ? 
_exptl_crystal.colour_modifier             ? 
_exptl_crystal.colour_primary              ? 
_exptl_crystal.density_meas                ? 
_exptl_crystal.density_meas_esd            ? 
_exptl_crystal.density_meas_gt             ? 
_exptl_crystal.density_meas_lt             ? 
_exptl_crystal.density_meas_temp           ? 
_exptl_crystal.density_meas_temp_esd       ? 
_exptl_crystal.density_meas_temp_gt        ? 
_exptl_crystal.density_meas_temp_lt        ? 
_exptl_crystal.pdbx_crystal_image_url      ? 
_exptl_crystal.pdbx_crystal_image_format   ? 
_exptl_crystal.pdbx_mosaicity              ? 
_exptl_crystal.pdbx_mosaicity_esd          ? 
# 
_exptl_crystal_grow.apparatus       ? 
_exptl_crystal_grow.atmosphere      ? 
_exptl_crystal_grow.crystal_id      1 
_exptl_crystal_grow.details         ? 
_exptl_crystal_grow.method          'VAPOR DIFFUSION, SITTING DROP' 
_exptl_crystal_grow.method_ref      ? 
_exptl_crystal_grow.pH              7.5 
_exptl_crystal_grow.pressure        ? 
_exptl_crystal_grow.pressure_esd    ? 
_exptl_crystal_grow.seeding         ? 
_exptl_crystal_grow.seeding_ref     ? 
_exptl_crystal_grow.temp            292 
_exptl_crystal_grow.temp_details    ? 
_exptl_crystal_grow.temp_esd        ? 
_exptl_crystal_grow.time            ? 
_exptl_crystal_grow.pdbx_details    '5mM MgCl2 and 30% PEG 400' 
_exptl_crystal_grow.pdbx_pH_range   ? 
# 
_diffrn.ambient_environment              ? 
_diffrn.ambient_temp                     100 
_diffrn.ambient_temp_details             ? 
_diffrn.ambient_temp_esd                 ? 
_diffrn.crystal_id                       1 
_diffrn.crystal_support                  ? 
_diffrn.crystal_treatment                ? 
_diffrn.details                          ? 
_diffrn.id                               1 
_diffrn.ambient_pressure                 ? 
_diffrn.ambient_pressure_esd             ? 
_diffrn.ambient_pressure_gt              ? 
_diffrn.ambient_pressure_lt              ? 
_diffrn.ambient_temp_gt                  ? 
_diffrn.ambient_temp_lt                  ? 
_diffrn.pdbx_serial_crystal_experiment   N 
# 
_diffrn_detector.details                      ? 
_diffrn_detector.detector                     PIXEL 
_diffrn_detector.diffrn_id                    1 
_diffrn_detector.type                         'DECTRIS PILATUS3 S 6M' 
_diffrn_detector.area_resol_mean              ? 
_diffrn_detector.dtime                        ? 
_diffrn_detector.pdbx_frames_total            ? 
_diffrn_detector.pdbx_collection_time_total   ? 
_diffrn_detector.pdbx_collection_date         2018-01-13 
_diffrn_detector.pdbx_frequency               ? 
# 
_diffrn_radiation.collimation                      ? 
_diffrn_radiation.diffrn_id                        1 
_diffrn_radiation.filter_edge                      ? 
_diffrn_radiation.inhomogeneity                    ? 
_diffrn_radiation.monochromator                    ? 
_diffrn_radiation.polarisn_norm                    ? 
_diffrn_radiation.polarisn_ratio                   ? 
_diffrn_radiation.probe                            ? 
_diffrn_radiation.type                             ? 
_diffrn_radiation.xray_symbol                      ? 
_diffrn_radiation.wavelength_id                    1 
_diffrn_radiation.pdbx_monochromatic_or_laue_m_l   M 
_diffrn_radiation.pdbx_wavelength_list             ? 
_diffrn_radiation.pdbx_wavelength                  ? 
_diffrn_radiation.pdbx_diffrn_protocol             'SINGLE WAVELENGTH' 
_diffrn_radiation.pdbx_analyzer                    ? 
_diffrn_radiation.pdbx_scattering_type             x-ray 
# 
_diffrn_radiation_wavelength.id           1 
_diffrn_radiation_wavelength.wavelength   0.9756 
_diffrn_radiation_wavelength.wt           1.0 
# 
_diffrn_source.current                     ? 
_diffrn_source.details                     ? 
_diffrn_source.diffrn_id                   1 
_diffrn_source.power                       ? 
_diffrn_source.size                        ? 
_diffrn_source.source                      SYNCHROTRON 
_diffrn_source.target                      ? 
_diffrn_source.type                        'PETRA III, EMBL c/o DESY BEAMLINE P13 (MX1)' 
_diffrn_source.voltage                     ? 
_diffrn_source.take-off_angle              ? 
_diffrn_source.pdbx_wavelength_list        0.9756 
_diffrn_source.pdbx_wavelength             ? 
_diffrn_source.pdbx_synchrotron_beamline   'P13 (MX1)' 
_diffrn_source.pdbx_synchrotron_site       'PETRA III, EMBL c/o DESY' 
# 
_reflns.B_iso_Wilson_estimate            ? 
_reflns.entry_id                         6QIQ 
_reflns.data_reduction_details           ? 
_reflns.data_reduction_method            ? 
_reflns.d_resolution_high                2.519 
_reflns.d_resolution_low                 40.587 
_reflns.details                          ? 
_reflns.limit_h_max                      ? 
_reflns.limit_h_min                      ? 
_reflns.limit_k_max                      ? 
_reflns.limit_k_min                      ? 
_reflns.limit_l_max                      ? 
_reflns.limit_l_min                      ? 
_reflns.number_all                       ? 
_reflns.number_obs                       8907 
_reflns.observed_criterion               ? 
_reflns.observed_criterion_F_max         ? 
_reflns.observed_criterion_F_min         ? 
_reflns.observed_criterion_I_max         ? 
_reflns.observed_criterion_I_min         ? 
_reflns.observed_criterion_sigma_F       ? 
_reflns.observed_criterion_sigma_I       ? 
_reflns.percent_possible_obs             99.9 
_reflns.R_free_details                   ? 
_reflns.Rmerge_F_all                     ? 
_reflns.Rmerge_F_obs                     ? 
_reflns.Friedel_coverage                 ? 
_reflns.number_gt                        ? 
_reflns.threshold_expression             ? 
_reflns.pdbx_redundancy                  27.9 
_reflns.pdbx_Rmerge_I_obs                0.113 
_reflns.pdbx_Rmerge_I_all                ? 
_reflns.pdbx_Rsym_value                  ? 
_reflns.pdbx_netI_over_av_sigmaI         ? 
_reflns.pdbx_netI_over_sigmaI            18.3 
_reflns.pdbx_res_netI_over_av_sigmaI_2   ? 
_reflns.pdbx_res_netI_over_sigmaI_2      ? 
_reflns.pdbx_chi_squared                 ? 
_reflns.pdbx_scaling_rejects             ? 
_reflns.pdbx_d_res_high_opt              ? 
_reflns.pdbx_d_res_low_opt               ? 
_reflns.pdbx_d_res_opt_method            ? 
_reflns.phase_calculation_details        ? 
_reflns.pdbx_Rrim_I_all                  ? 
_reflns.pdbx_Rpim_I_all                  ? 
_reflns.pdbx_d_opt                       ? 
_reflns.pdbx_number_measured_all         ? 
_reflns.pdbx_diffrn_id                   1 
_reflns.pdbx_ordinal                     1 
_reflns.pdbx_CC_half                     0.99 
_reflns.pdbx_R_split                     ? 
# 
_reflns_shell.d_res_high                  2.519 
_reflns_shell.d_res_low                   2.67 
_reflns_shell.meanI_over_sigI_all         ? 
_reflns_shell.meanI_over_sigI_obs         1.0 
_reflns_shell.number_measured_all         ? 
_reflns_shell.number_measured_obs         ? 
_reflns_shell.number_possible             ? 
_reflns_shell.number_unique_all           ? 
_reflns_shell.number_unique_obs           1420 
_reflns_shell.percent_possible_all        99.9 
_reflns_shell.percent_possible_obs        ? 
_reflns_shell.Rmerge_F_all                ? 
_reflns_shell.Rmerge_F_obs                ? 
_reflns_shell.Rmerge_I_all                ? 
_reflns_shell.Rmerge_I_obs                2.873 
_reflns_shell.meanI_over_sigI_gt          ? 
_reflns_shell.meanI_over_uI_all           ? 
_reflns_shell.meanI_over_uI_gt            ? 
_reflns_shell.number_measured_gt          ? 
_reflns_shell.number_unique_gt            ? 
_reflns_shell.percent_possible_gt         ? 
_reflns_shell.Rmerge_F_gt                 ? 
_reflns_shell.Rmerge_I_gt                 ? 
_reflns_shell.pdbx_redundancy             28.5 
_reflns_shell.pdbx_Rsym_value             ? 
_reflns_shell.pdbx_chi_squared            ? 
_reflns_shell.pdbx_netI_over_sigmaI_all   ? 
_reflns_shell.pdbx_netI_over_sigmaI_obs   ? 
_reflns_shell.pdbx_Rrim_I_all             ? 
_reflns_shell.pdbx_Rpim_I_all             ? 
_reflns_shell.pdbx_rejects                ? 
_reflns_shell.pdbx_ordinal                1 
_reflns_shell.pdbx_diffrn_id              1 
_reflns_shell.pdbx_CC_half                0.65 
_reflns_shell.pdbx_R_split                ? 
# 
_refine.aniso_B[1][1]                            ? 
_refine.aniso_B[1][2]                            ? 
_refine.aniso_B[1][3]                            ? 
_refine.aniso_B[2][2]                            ? 
_refine.aniso_B[2][3]                            ? 
_refine.aniso_B[3][3]                            ? 
_refine.B_iso_max                                ? 
_refine.B_iso_mean                               ? 
_refine.B_iso_min                                ? 
_refine.correlation_coeff_Fo_to_Fc               ? 
_refine.correlation_coeff_Fo_to_Fc_free          ? 
_refine.details                                  ? 
_refine.diff_density_max                         ? 
_refine.diff_density_max_esd                     ? 
_refine.diff_density_min                         ? 
_refine.diff_density_min_esd                     ? 
_refine.diff_density_rms                         ? 
_refine.diff_density_rms_esd                     ? 
_refine.entry_id                                 6QIQ 
_refine.pdbx_refine_id                           'X-RAY DIFFRACTION' 
_refine.ls_abs_structure_details                 ? 
_refine.ls_abs_structure_Flack                   ? 
_refine.ls_abs_structure_Flack_esd               ? 
_refine.ls_abs_structure_Rogers                  ? 
_refine.ls_abs_structure_Rogers_esd              ? 
_refine.ls_d_res_high                            2.519 
_refine.ls_d_res_low                             40.587 
_refine.ls_extinction_coef                       ? 
_refine.ls_extinction_coef_esd                   ? 
_refine.ls_extinction_expression                 ? 
_refine.ls_extinction_method                     ? 
_refine.ls_goodness_of_fit_all                   ? 
_refine.ls_goodness_of_fit_all_esd               ? 
_refine.ls_goodness_of_fit_obs                   ? 
_refine.ls_goodness_of_fit_obs_esd               ? 
_refine.ls_hydrogen_treatment                    ? 
_refine.ls_matrix_type                           ? 
_refine.ls_number_constraints                    ? 
_refine.ls_number_parameters                     ? 
_refine.ls_number_reflns_all                     ? 
_refine.ls_number_reflns_obs                     8867 
_refine.ls_number_reflns_R_free                  449 
_refine.ls_number_reflns_R_work                  ? 
_refine.ls_number_restraints                     ? 
_refine.ls_percent_reflns_obs                    99.51 
_refine.ls_percent_reflns_R_free                 5.06 
_refine.ls_R_factor_all                          ? 
_refine.ls_R_factor_obs                          0.2057 
_refine.ls_R_factor_R_free                       0.2271 
_refine.ls_R_factor_R_free_error                 ? 
_refine.ls_R_factor_R_free_error_details         ? 
_refine.ls_R_factor_R_work                       0.2045 
_refine.ls_R_Fsqd_factor_obs                     ? 
_refine.ls_R_I_factor_obs                        ? 
_refine.ls_redundancy_reflns_all                 ? 
_refine.ls_redundancy_reflns_obs                 ? 
_refine.ls_restrained_S_all                      ? 
_refine.ls_restrained_S_obs                      ? 
_refine.ls_shift_over_esd_max                    ? 
_refine.ls_shift_over_esd_mean                   ? 
_refine.ls_structure_factor_coef                 ? 
_refine.ls_weighting_details                     ? 
_refine.ls_weighting_scheme                      ? 
_refine.ls_wR_factor_all                         ? 
_refine.ls_wR_factor_obs                         ? 
_refine.ls_wR_factor_R_free                      ? 
_refine.ls_wR_factor_R_work                      ? 
_refine.occupancy_max                            ? 
_refine.occupancy_min                            ? 
_refine.solvent_model_details                    'FLAT BULK SOLVENT MODEL' 
_refine.solvent_model_param_bsol                 ? 
_refine.solvent_model_param_ksol                 ? 
_refine.ls_R_factor_gt                           ? 
_refine.ls_goodness_of_fit_gt                    ? 
_refine.ls_goodness_of_fit_ref                   ? 
_refine.ls_shift_over_su_max                     ? 
_refine.ls_shift_over_su_max_lt                  ? 
_refine.ls_shift_over_su_mean                    ? 
_refine.ls_shift_over_su_mean_lt                 ? 
_refine.pdbx_ls_sigma_I                          ? 
_refine.pdbx_ls_sigma_F                          1.92 
_refine.pdbx_ls_sigma_Fsqd                       ? 
_refine.pdbx_data_cutoff_high_absF               ? 
_refine.pdbx_data_cutoff_high_rms_absF           ? 
_refine.pdbx_data_cutoff_low_absF                ? 
_refine.pdbx_isotropic_thermal_model             ? 
_refine.pdbx_ls_cross_valid_method               'FREE R-VALUE' 
_refine.pdbx_method_to_determine_struct          SAD 
_refine.pdbx_starting_model                      ? 
_refine.pdbx_stereochemistry_target_values       ML 
_refine.pdbx_R_Free_selection_details            ? 
_refine.pdbx_stereochem_target_val_spec_case     ? 
_refine.pdbx_overall_ESU_R                       ? 
_refine.pdbx_overall_ESU_R_Free                  ? 
_refine.pdbx_solvent_vdw_probe_radii             0.90 
_refine.pdbx_solvent_ion_probe_radii             ? 
_refine.pdbx_solvent_shrinkage_radii             0.70 
_refine.pdbx_real_space_R                        ? 
_refine.pdbx_density_correlation                 ? 
_refine.pdbx_pd_number_of_powder_patterns        ? 
_refine.pdbx_pd_number_of_points                 ? 
_refine.pdbx_pd_meas_number_of_points            ? 
_refine.pdbx_pd_proc_ls_prof_R_factor            ? 
_refine.pdbx_pd_proc_ls_prof_wR_factor           ? 
_refine.pdbx_pd_Marquardt_correlation_coeff      ? 
_refine.pdbx_pd_Fsqrd_R_factor                   ? 
_refine.pdbx_pd_ls_matrix_band_width             ? 
_refine.pdbx_overall_phase_error                 33.36 
_refine.pdbx_overall_SU_R_free_Cruickshank_DPI   ? 
_refine.pdbx_overall_SU_R_free_Blow_DPI          ? 
_refine.pdbx_overall_SU_R_Blow_DPI               ? 
_refine.pdbx_TLS_residual_ADP_flag               ? 
_refine.pdbx_diffrn_id                           1 
_refine.overall_SU_B                             ? 
_refine.overall_SU_ML                            0.54 
_refine.overall_SU_R_Cruickshank_DPI             ? 
_refine.overall_SU_R_free                        ? 
_refine.overall_FOM_free_R_set                   ? 
_refine.overall_FOM_work_R_set                   ? 
_refine.pdbx_average_fsc_overall                 ? 
_refine.pdbx_average_fsc_work                    ? 
_refine.pdbx_average_fsc_free                    ? 
# 
_refine_hist.pdbx_refine_id                   'X-RAY DIFFRACTION' 
_refine_hist.cycle_id                         LAST 
_refine_hist.pdbx_number_atoms_protein        0 
_refine_hist.pdbx_number_atoms_nucleic_acid   342 
_refine_hist.pdbx_number_atoms_ligand         74 
_refine_hist.number_atoms_solvent             6 
_refine_hist.number_atoms_total               422 
_refine_hist.d_res_high                       2.519 
_refine_hist.d_res_low                        40.587 
# 
loop_
_refine_ls_restr.pdbx_refine_id 
_refine_ls_restr.criterion 
_refine_ls_restr.dev_ideal 
_refine_ls_restr.dev_ideal_target 
_refine_ls_restr.number 
_refine_ls_restr.rejects 
_refine_ls_restr.type 
_refine_ls_restr.weight 
_refine_ls_restr.pdbx_restraint_function 
'X-RAY DIFFRACTION' ? 0.012  ? 460 ? f_bond_d           ? ? 
'X-RAY DIFFRACTION' ? 1.988  ? 702 ? f_angle_d          ? ? 
'X-RAY DIFFRACTION' ? 13.280 ? 280 ? f_dihedral_angle_d ? ? 
'X-RAY DIFFRACTION' ? 0.096  ? 76  ? f_chiral_restr     ? ? 
'X-RAY DIFFRACTION' ? 0.006  ? 106 ? f_plane_restr      ? ? 
# 
loop_
_refine_ls_shell.pdbx_refine_id 
_refine_ls_shell.d_res_high 
_refine_ls_shell.d_res_low 
_refine_ls_shell.number_reflns_all 
_refine_ls_shell.number_reflns_obs 
_refine_ls_shell.number_reflns_R_free 
_refine_ls_shell.number_reflns_R_work 
_refine_ls_shell.percent_reflns_obs 
_refine_ls_shell.percent_reflns_R_free 
_refine_ls_shell.R_factor_all 
_refine_ls_shell.R_factor_obs 
_refine_ls_shell.R_factor_R_free 
_refine_ls_shell.R_factor_R_free_error 
_refine_ls_shell.R_factor_R_work 
_refine_ls_shell.redundancy_reflns_all 
_refine_ls_shell.redundancy_reflns_obs 
_refine_ls_shell.wR_factor_all 
_refine_ls_shell.wR_factor_obs 
_refine_ls_shell.wR_factor_R_free 
_refine_ls_shell.wR_factor_R_work 
_refine_ls_shell.pdbx_total_number_of_bins_used 
_refine_ls_shell.pdbx_phase_error 
_refine_ls_shell.pdbx_fsc_work 
_refine_ls_shell.pdbx_fsc_free 
'X-RAY DIFFRACTION' 2.5188 2.8832  . . 152 2819 100.00 . . . 0.4591 . 0.3809 . . . . . . . . . . 
'X-RAY DIFFRACTION' 2.8832 3.6322  . . 151 2783 99.00  . . . 0.2380 . 0.2339 . . . . . . . . . . 
'X-RAY DIFFRACTION' 3.6322 40.5924 . . 146 2816 100.00 . . . 0.2013 . 0.1765 . . . . . . . . . . 
# 
_struct.entry_id                     6QIQ 
_struct.title                        'Crystal structure of seleno-derivative CAG repeats with synthetic CMBL3a compound' 
_struct.pdbx_model_details           ? 
_struct.pdbx_formula_weight          ? 
_struct.pdbx_formula_weight_method   ? 
_struct.pdbx_model_type_details      ? 
_struct.pdbx_CASP_flag               N 
# 
_struct_keywords.entry_id        6QIQ 
_struct_keywords.text            'CAG repeats, CMBL, RNA complex with ligand, RNA' 
_struct_keywords.pdbx_keywords   RNA 
# 
loop_
_struct_asym.id 
_struct_asym.pdbx_blank_PDB_chainid_flag 
_struct_asym.pdbx_modified 
_struct_asym.entity_id 
_struct_asym.details 
A N N 1 ? 
B N N 1 ? 
C N N 2 ? 
D N N 2 ? 
E N N 3 ? 
F N N 3 ? 
# 
_struct_ref.id                         1 
_struct_ref.db_name                    PDB 
_struct_ref.db_code                    6QIQ 
_struct_ref.pdbx_db_accession          6QIQ 
_struct_ref.pdbx_db_isoform            ? 
_struct_ref.entity_id                  1 
_struct_ref.pdbx_seq_one_letter_code   ? 
_struct_ref.pdbx_align_begin           1 
# 
loop_
_struct_ref_seq.align_id 
_struct_ref_seq.ref_id 
_struct_ref_seq.pdbx_PDB_id_code 
_struct_ref_seq.pdbx_strand_id 
_struct_ref_seq.seq_align_beg 
_struct_ref_seq.pdbx_seq_align_beg_ins_code 
_struct_ref_seq.seq_align_end 
_struct_ref_seq.pdbx_seq_align_end_ins_code 
_struct_ref_seq.pdbx_db_accession 
_struct_ref_seq.db_align_beg 
_struct_ref_seq.pdbx_db_align_beg_ins_code 
_struct_ref_seq.db_align_end 
_struct_ref_seq.pdbx_db_align_end_ins_code 
_struct_ref_seq.pdbx_auth_seq_align_beg 
_struct_ref_seq.pdbx_auth_seq_align_end 
1 1 6QIQ A 1 ? 8 ? 6QIQ 1 ? 8 ? 1 8 
2 1 6QIQ B 1 ? 8 ? 6QIQ 1 ? 8 ? 1 8 
# 
_pdbx_struct_assembly.id                   1 
_pdbx_struct_assembly.details              author_and_software_defined_assembly 
_pdbx_struct_assembly.method_details       PISA 
_pdbx_struct_assembly.oligomeric_details   dimeric 
_pdbx_struct_assembly.oligomeric_count     2 
# 
loop_
_pdbx_struct_assembly_prop.biol_id 
_pdbx_struct_assembly_prop.type 
_pdbx_struct_assembly_prop.value 
_pdbx_struct_assembly_prop.details 
1 'ABSA (A^2)' 2160 ? 
1 MORE         -2   ? 
1 'SSA (A^2)'  3530 ? 
# 
_pdbx_struct_assembly_gen.assembly_id       1 
_pdbx_struct_assembly_gen.oper_expression   1 
_pdbx_struct_assembly_gen.asym_id_list      A,B,C,D,E,F 
# 
_pdbx_struct_assembly_auth_evidence.id                     1 
_pdbx_struct_assembly_auth_evidence.assembly_id            1 
_pdbx_struct_assembly_auth_evidence.experimental_support   none 
_pdbx_struct_assembly_auth_evidence.details                ? 
# 
_pdbx_struct_oper_list.id                   1 
_pdbx_struct_oper_list.type                 'identity operation' 
_pdbx_struct_oper_list.name                 1_555 
_pdbx_struct_oper_list.symmetry_operation   x,y,z 
_pdbx_struct_oper_list.matrix[1][1]         1.0000000000 
_pdbx_struct_oper_list.matrix[1][2]         0.0000000000 
_pdbx_struct_oper_list.matrix[1][3]         0.0000000000 
_pdbx_struct_oper_list.vector[1]            0.0000000000 
_pdbx_struct_oper_list.matrix[2][1]         0.0000000000 
_pdbx_struct_oper_list.matrix[2][2]         1.0000000000 
_pdbx_struct_oper_list.matrix[2][3]         0.0000000000 
_pdbx_struct_oper_list.vector[2]            0.0000000000 
_pdbx_struct_oper_list.matrix[3][1]         0.0000000000 
_pdbx_struct_oper_list.matrix[3][2]         0.0000000000 
_pdbx_struct_oper_list.matrix[3][3]         1.0000000000 
_pdbx_struct_oper_list.vector[3]            0.0000000000 
# 
loop_
_struct_conn.id 
_struct_conn.conn_type_id 
_struct_conn.pdbx_leaving_atom_flag 
_struct_conn.pdbx_PDB_id 
_struct_conn.ptnr1_label_asym_id 
_struct_conn.ptnr1_label_comp_id 
_struct_conn.ptnr1_label_seq_id 
_struct_conn.ptnr1_label_atom_id 
_struct_conn.pdbx_ptnr1_label_alt_id 
_struct_conn.pdbx_ptnr1_PDB_ins_code 
_struct_conn.pdbx_ptnr1_standard_comp_id 
_struct_conn.ptnr1_symmetry 
_struct_conn.ptnr2_label_asym_id 
_struct_conn.ptnr2_label_comp_id 
_struct_conn.ptnr2_label_seq_id 
_struct_conn.ptnr2_label_atom_id 
_struct_conn.pdbx_ptnr2_label_alt_id 
_struct_conn.pdbx_ptnr2_PDB_ins_code 
_struct_conn.ptnr1_auth_asym_id 
_struct_conn.ptnr1_auth_comp_id 
_struct_conn.ptnr1_auth_seq_id 
_struct_conn.ptnr2_auth_asym_id 
_struct_conn.ptnr2_auth_comp_id 
_struct_conn.ptnr2_auth_seq_id 
_struct_conn.ptnr2_symmetry 
_struct_conn.pdbx_ptnr3_label_atom_id 
_struct_conn.pdbx_ptnr3_label_seq_id 
_struct_conn.pdbx_ptnr3_label_comp_id 
_struct_conn.pdbx_ptnr3_label_asym_id 
_struct_conn.pdbx_ptnr3_label_alt_id 
_struct_conn.pdbx_ptnr3_PDB_ins_code 
_struct_conn.details 
_struct_conn.pdbx_dist_value 
_struct_conn.pdbx_value_order 
_struct_conn.pdbx_role 
covale1  covale both ? A G   4 "O3'" ? ? ? 1_555 A CSL 5 P  ? ? A G   4 A CSL 5 1_555 ? ? ? ? ? ? ?            1.591 ? ? 
covale2  covale both ? A CSL 5 "O3'" ? ? ? 1_555 A A   6 P  ? ? A CSL 5 A A   6 1_555 ? ? ? ? ? ? ?            1.570 ? ? 
covale3  covale both ? B G   4 "O3'" ? ? ? 1_555 B CSL 5 P  ? ? B G   4 B CSL 5 1_555 ? ? ? ? ? ? ?            1.547 ? ? 
covale4  covale both ? B CSL 5 "O3'" ? ? ? 1_555 B A   6 P  ? ? B CSL 5 B A   6 1_555 ? ? ? ? ? ? ?            1.592 ? ? 
hydrog1  hydrog ?    ? A G   1 N1    ? ? ? 1_555 B C   8 N3 ? ? A G   1 B C   8 1_555 ? ? ? ? ? ? WATSON-CRICK ?     ? ? 
hydrog2  hydrog ?    ? A G   1 N2    ? ? ? 1_555 B C   8 O2 ? ? A G   1 B C   8 1_555 ? ? ? ? ? ? WATSON-CRICK ?     ? ? 
hydrog3  hydrog ?    ? A G   1 O6    ? ? ? 1_555 B C   8 N4 ? ? A G   1 B C   8 1_555 ? ? ? ? ? ? WATSON-CRICK ?     ? ? 
hydrog4  hydrog ?    ? A C   2 N3    ? ? ? 1_555 B G   7 N1 ? ? A C   2 B G   7 1_555 ? ? ? ? ? ? WATSON-CRICK ?     ? ? 
hydrog5  hydrog ?    ? A C   2 N4    ? ? ? 1_555 B G   7 O6 ? ? A C   2 B G   7 1_555 ? ? ? ? ? ? WATSON-CRICK ?     ? ? 
hydrog6  hydrog ?    ? A C   2 O2    ? ? ? 1_555 B G   7 N2 ? ? A C   2 B G   7 1_555 ? ? ? ? ? ? WATSON-CRICK ?     ? ? 
hydrog7  hydrog ?    ? A G   7 N1    ? ? ? 1_555 B C   2 N3 ? ? A G   7 B C   2 1_555 ? ? ? ? ? ? WATSON-CRICK ?     ? ? 
hydrog8  hydrog ?    ? A G   7 N2    ? ? ? 1_555 B C   2 O2 ? ? A G   7 B C   2 1_555 ? ? ? ? ? ? WATSON-CRICK ?     ? ? 
hydrog9  hydrog ?    ? A G   7 O6    ? ? ? 1_555 B C   2 N4 ? ? A G   7 B C   2 1_555 ? ? ? ? ? ? WATSON-CRICK ?     ? ? 
hydrog10 hydrog ?    ? A C   8 N3    ? ? ? 1_555 B G   1 N1 ? ? A C   8 B G   1 1_555 ? ? ? ? ? ? WATSON-CRICK ?     ? ? 
hydrog11 hydrog ?    ? A C   8 N4    ? ? ? 1_555 B G   1 O6 ? ? A C   8 B G   1 1_555 ? ? ? ? ? ? WATSON-CRICK ?     ? ? 
hydrog12 hydrog ?    ? A C   8 O2    ? ? ? 1_555 B G   1 N2 ? ? A C   8 B G   1 1_555 ? ? ? ? ? ? WATSON-CRICK ?     ? ? 
# 
loop_
_struct_conn_type.id 
_struct_conn_type.criteria 
_struct_conn_type.reference 
covale ? ? 
hydrog ? ? 
# 
loop_
_struct_site.id 
_struct_site.pdbx_evidence_code 
_struct_site.pdbx_auth_asym_id 
_struct_site.pdbx_auth_comp_id 
_struct_site.pdbx_auth_seq_id 
_struct_site.pdbx_auth_ins_code 
_struct_site.pdbx_num_residues 
_struct_site.details 
AC1 Software A J48 101 ? 7 'binding site for residue J48 A 101'               
AC2 Software B J48 101 ? 7 'binding site for residue J48 B 101'               
AC3 Software B G   4   ? 3 'binding site for Di-nucleotide G B 4 and CSL B 5' 
AC4 Software B CSL 5   ? 5 'binding site for Di-nucleotide CSL B 5 and A B 6' 
# 
loop_
_struct_site_gen.id 
_struct_site_gen.site_id 
_struct_site_gen.pdbx_num_res 
_struct_site_gen.label_comp_id 
_struct_site_gen.label_asym_id 
_struct_site_gen.label_seq_id 
_struct_site_gen.pdbx_auth_ins_code 
_struct_site_gen.auth_comp_id 
_struct_site_gen.auth_asym_id 
_struct_site_gen.auth_seq_id 
_struct_site_gen.label_atom_id 
_struct_site_gen.label_alt_id 
_struct_site_gen.symmetry 
_struct_site_gen.details 
1  AC1 7 A   A 3 ? A   A 3   . ? 1_555  ? 
2  AC1 7 CSL A 5 ? CSL A 5   . ? 1_555  ? 
3  AC1 7 A   A 6 ? A   A 6   . ? 1_555  ? 
4  AC1 7 G   A 7 ? G   A 7   . ? 1_555  ? 
5  AC1 7 C   B 2 ? C   B 2   . ? 1_555  ? 
6  AC1 7 A   B 3 ? A   B 3   . ? 1_555  ? 
7  AC1 7 J48 D . ? J48 B 101 . ? 1_555  ? 
8  AC2 7 C   A 2 ? C   A 2   . ? 1_555  ? 
9  AC2 7 A   A 3 ? A   A 3   . ? 1_555  ? 
10 AC2 7 J48 C . ? J48 A 101 . ? 1_555  ? 
11 AC2 7 A   B 3 ? A   B 3   . ? 1_555  ? 
12 AC2 7 CSL B 5 ? CSL B 5   . ? 1_555  ? 
13 AC2 7 A   B 6 ? A   B 6   . ? 1_555  ? 
14 AC2 7 G   B 7 ? G   B 7   . ? 1_555  ? 
15 AC3 3 A   B 3 ? A   B 3   . ? 1_555  ? 
16 AC3 3 A   B 6 ? A   B 6   . ? 1_555  ? 
17 AC3 3 J48 D . ? J48 B 101 . ? 1_555  ? 
18 AC4 5 A   B 3 ? A   B 3   . ? 1_555  ? 
19 AC4 5 G   B 4 ? G   B 4   . ? 1_555  ? 
20 AC4 5 G   B 4 ? G   B 4   . ? 12_564 ? 
21 AC4 5 G   B 7 ? G   B 7   . ? 1_555  ? 
22 AC4 5 J48 D . ? J48 B 101 . ? 1_555  ? 
# 
_pdbx_validate_rmsd_angle.id                         1 
_pdbx_validate_rmsd_angle.PDB_model_num              1 
_pdbx_validate_rmsd_angle.auth_atom_id_1             C6 
_pdbx_validate_rmsd_angle.auth_asym_id_1             A 
_pdbx_validate_rmsd_angle.auth_comp_id_1             C 
_pdbx_validate_rmsd_angle.auth_seq_id_1              2 
_pdbx_validate_rmsd_angle.PDB_ins_code_1             ? 
_pdbx_validate_rmsd_angle.label_alt_id_1             ? 
_pdbx_validate_rmsd_angle.auth_atom_id_2             N1 
_pdbx_validate_rmsd_angle.auth_asym_id_2             A 
_pdbx_validate_rmsd_angle.auth_comp_id_2             C 
_pdbx_validate_rmsd_angle.auth_seq_id_2              2 
_pdbx_validate_rmsd_angle.PDB_ins_code_2             ? 
_pdbx_validate_rmsd_angle.label_alt_id_2             ? 
_pdbx_validate_rmsd_angle.auth_atom_id_3             C2 
_pdbx_validate_rmsd_angle.auth_asym_id_3             A 
_pdbx_validate_rmsd_angle.auth_comp_id_3             C 
_pdbx_validate_rmsd_angle.auth_seq_id_3              2 
_pdbx_validate_rmsd_angle.PDB_ins_code_3             ? 
_pdbx_validate_rmsd_angle.label_alt_id_3             ? 
_pdbx_validate_rmsd_angle.angle_value                117.80 
_pdbx_validate_rmsd_angle.angle_target_value         120.30 
_pdbx_validate_rmsd_angle.angle_deviation            -2.50 
_pdbx_validate_rmsd_angle.angle_standard_deviation   0.40 
_pdbx_validate_rmsd_angle.linker_flag                N 
# 
loop_
_pdbx_refine_tls.pdbx_refine_id 
_pdbx_refine_tls.id 
_pdbx_refine_tls.details 
_pdbx_refine_tls.method 
_pdbx_refine_tls.origin_x 
_pdbx_refine_tls.origin_y 
_pdbx_refine_tls.origin_z 
_pdbx_refine_tls.T[1][1] 
_pdbx_refine_tls.T[2][2] 
_pdbx_refine_tls.T[3][3] 
_pdbx_refine_tls.T[1][2] 
_pdbx_refine_tls.T[1][3] 
_pdbx_refine_tls.T[2][3] 
_pdbx_refine_tls.L[1][1] 
_pdbx_refine_tls.L[2][2] 
_pdbx_refine_tls.L[3][3] 
_pdbx_refine_tls.L[1][2] 
_pdbx_refine_tls.L[1][3] 
_pdbx_refine_tls.L[2][3] 
_pdbx_refine_tls.S[1][1] 
_pdbx_refine_tls.S[1][2] 
_pdbx_refine_tls.S[1][3] 
_pdbx_refine_tls.S[2][1] 
_pdbx_refine_tls.S[2][2] 
_pdbx_refine_tls.S[2][3] 
_pdbx_refine_tls.S[3][1] 
_pdbx_refine_tls.S[3][2] 
_pdbx_refine_tls.S[3][3] 
'X-RAY DIFFRACTION' 1 ? refined -4.5812 1.8649  0.7091  1.0205 1.2274 0.8635 0.0945 0.0441 -0.0329 0.8353 1.8204 1.8345 0.7223  -0.1771 0.3778  0.3070 0.2437 0.2465 0.4315 0.0685  0.1193  -0.9250 -0.6355 -0.3225 
'X-RAY DIFFRACTION' 2 ? refined 4.5301  -1.9393 -0.7826 0.6641 0.5030 0.4330 0.0661 0.0171 0.0637  5.7965 3.5056 3.6489 -2.0441 -2.3363 -1.4070 0.0338 0.2160 0.9855 0.4236 -0.5694 -0.2655 -1.0732 0.8832  -0.7612 
# 
loop_
_pdbx_refine_tls_group.pdbx_refine_id 
_pdbx_refine_tls_group.id 
_pdbx_refine_tls_group.refine_tls_id 
_pdbx_refine_tls_group.beg_auth_asym_id 
_pdbx_refine_tls_group.beg_auth_seq_id 
_pdbx_refine_tls_group.beg_label_asym_id 
_pdbx_refine_tls_group.beg_label_seq_id 
_pdbx_refine_tls_group.end_auth_asym_id 
_pdbx_refine_tls_group.end_auth_seq_id 
_pdbx_refine_tls_group.end_label_asym_id 
_pdbx_refine_tls_group.end_label_seq_id 
_pdbx_refine_tls_group.selection 
_pdbx_refine_tls_group.selection_details 
'X-RAY DIFFRACTION' 1 1 ? ? ? ? ? ? ? ? ? 
;chain 'A' and (resid 1 through 8 )
;
'X-RAY DIFFRACTION' 2 2 ? ? ? ? ? ? ? ? ? 
;chain 'B' and (resid 1 through 8 )
;
# 
loop_
_chem_comp_atom.comp_id 
_chem_comp_atom.atom_id 
_chem_comp_atom.type_symbol 
_chem_comp_atom.pdbx_aromatic_flag 
_chem_comp_atom.pdbx_stereo_config 
_chem_comp_atom.pdbx_ordinal 
A   OP3    O  N N 1   
A   P      P  N N 2   
A   OP1    O  N N 3   
A   OP2    O  N N 4   
A   "O5'"  O  N N 5   
A   "C5'"  C  N N 6   
A   "C4'"  C  N R 7   
A   "O4'"  O  N N 8   
A   "C3'"  C  N S 9   
A   "O3'"  O  N N 10  
A   "C2'"  C  N R 11  
A   "O2'"  O  N N 12  
A   "C1'"  C  N R 13  
A   N9     N  Y N 14  
A   C8     C  Y N 15  
A   N7     N  Y N 16  
A   C5     C  Y N 17  
A   C6     C  Y N 18  
A   N6     N  N N 19  
A   N1     N  Y N 20  
A   C2     C  Y N 21  
A   N3     N  Y N 22  
A   C4     C  Y N 23  
A   HOP3   H  N N 24  
A   HOP2   H  N N 25  
A   "H5'"  H  N N 26  
A   "H5''" H  N N 27  
A   "H4'"  H  N N 28  
A   "H3'"  H  N N 29  
A   "HO3'" H  N N 30  
A   "H2'"  H  N N 31  
A   "HO2'" H  N N 32  
A   "H1'"  H  N N 33  
A   H8     H  N N 34  
A   H61    H  N N 35  
A   H62    H  N N 36  
A   H2     H  N N 37  
C   OP3    O  N N 38  
C   P      P  N N 39  
C   OP1    O  N N 40  
C   OP2    O  N N 41  
C   "O5'"  O  N N 42  
C   "C5'"  C  N N 43  
C   "C4'"  C  N R 44  
C   "O4'"  O  N N 45  
C   "C3'"  C  N S 46  
C   "O3'"  O  N N 47  
C   "C2'"  C  N R 48  
C   "O2'"  O  N N 49  
C   "C1'"  C  N R 50  
C   N1     N  N N 51  
C   C2     C  N N 52  
C   O2     O  N N 53  
C   N3     N  N N 54  
C   C4     C  N N 55  
C   N4     N  N N 56  
C   C5     C  N N 57  
C   C6     C  N N 58  
C   HOP3   H  N N 59  
C   HOP2   H  N N 60  
C   "H5'"  H  N N 61  
C   "H5''" H  N N 62  
C   "H4'"  H  N N 63  
C   "H3'"  H  N N 64  
C   "HO3'" H  N N 65  
C   "H2'"  H  N N 66  
C   "HO2'" H  N N 67  
C   "H1'"  H  N N 68  
C   H41    H  N N 69  
C   H42    H  N N 70  
C   H5     H  N N 71  
C   H6     H  N N 72  
CSL P      P  N N 73  
CSL O2P    O  N N 74  
CSL O1P    O  N N 75  
CSL "O5'"  O  N N 76  
CSL "C5'"  C  N N 77  
CSL "C4'"  C  N R 78  
CSL "O4'"  O  N N 79  
CSL "C1'"  C  N R 80  
CSL N1     N  N N 81  
CSL C2     C  N N 82  
CSL O2     O  N N 83  
CSL N3     N  N N 84  
CSL C4     C  N N 85  
CSL N4     N  N N 86  
CSL C5     C  N N 87  
CSL C6     C  N N 88  
CSL "C2'"  C  N R 89  
CSL "SE2'" SE N N 90  
CSL "CA'"  C  N N 91  
CSL "C3'"  C  N R 92  
CSL "O3'"  O  N N 93  
CSL O3P    O  N N 94  
CSL HOP2   H  N N 95  
CSL "H5'1" H  N N 96  
CSL "H5'2" H  N N 97  
CSL "H4'"  H  N N 98  
CSL "H1'"  H  N N 99  
CSL HN41   H  N N 100 
CSL HN42   H  N N 101 
CSL H5     H  N N 102 
CSL H6     H  N N 103 
CSL "H2'"  H  N N 104 
CSL "HA'1" H  N N 105 
CSL "HA'2" H  N N 106 
CSL "HA'3" H  N N 107 
CSL "H3'"  H  N N 108 
CSL H3T    H  N N 109 
CSL HOP3   H  N N 110 
G   OP3    O  N N 111 
G   P      P  N N 112 
G   OP1    O  N N 113 
G   OP2    O  N N 114 
G   "O5'"  O  N N 115 
G   "C5'"  C  N N 116 
G   "C4'"  C  N R 117 
G   "O4'"  O  N N 118 
G   "C3'"  C  N S 119 
G   "O3'"  O  N N 120 
G   "C2'"  C  N R 121 
G   "O2'"  O  N N 122 
G   "C1'"  C  N R 123 
G   N9     N  Y N 124 
G   C8     C  Y N 125 
G   N7     N  Y N 126 
G   C5     C  Y N 127 
G   C6     C  N N 128 
G   O6     O  N N 129 
G   N1     N  N N 130 
G   C2     C  N N 131 
G   N2     N  N N 132 
G   N3     N  N N 133 
G   C4     C  Y N 134 
G   HOP3   H  N N 135 
G   HOP2   H  N N 136 
G   "H5'"  H  N N 137 
G   "H5''" H  N N 138 
G   "H4'"  H  N N 139 
G   "H3'"  H  N N 140 
G   "HO3'" H  N N 141 
G   "H2'"  H  N N 142 
G   "HO2'" H  N N 143 
G   "H1'"  H  N N 144 
G   H8     H  N N 145 
G   H1     H  N N 146 
G   H21    H  N N 147 
G   H22    H  N N 148 
HOH O      O  N N 149 
HOH H1     H  N N 150 
HOH H2     H  N N 151 
J48 C8     C  Y N 152 
J48 C9     C  Y N 153 
J48 C10    C  Y N 154 
J48 C11    C  Y N 155 
J48 C12    C  Y N 156 
J48 C13    C  Y N 157 
J48 N1     N  Y N 158 
J48 C6     C  Y N 159 
J48 C3     C  Y N 160 
J48 C5     C  Y N 161 
J48 C4     C  Y N 162 
J48 C2     C  Y N 163 
J48 C15    C  Y N 164 
J48 C16    C  Y N 165 
J48 C17    C  Y N 166 
J48 C18    C  Y N 167 
J48 C19    C  Y N 168 
J48 C22    C  N N 169 
J48 C26    C  N N 170 
J48 C29    C  N N 171 
J48 C30    C  N N 172 
J48 C31    C  N N 173 
J48 C32    C  N N 174 
J48 C33    C  N N 175 
J48 C34    C  N N 176 
J48 C36    C  N N 177 
J48 C37    C  N N 178 
J48 N14    N  Y N 179 
J48 N20    N  Y N 180 
J48 N21    N  N N 181 
J48 N25    N  N N 182 
J48 N35    N  N N 183 
J48 N7     N  Y N 184 
J48 O23    O  N N 185 
J48 O24    O  N N 186 
J48 O27    O  N N 187 
J48 O28    O  N N 188 
J48 H1     H  N N 189 
J48 H2     H  N N 190 
J48 H3     H  N N 191 
J48 H4     H  N N 192 
J48 H5     H  N N 193 
J48 H6     H  N N 194 
J48 H7     H  N N 195 
J48 H8     H  N N 196 
J48 H9     H  N N 197 
J48 H10    H  N N 198 
J48 H11    H  N N 199 
J48 H12    H  N N 200 
J48 H13    H  N N 201 
J48 H14    H  N N 202 
J48 H15    H  N N 203 
J48 H16    H  N N 204 
J48 H17    H  N N 205 
J48 H18    H  N N 206 
J48 H19    H  N N 207 
J48 H20    H  N N 208 
J48 H21    H  N N 209 
J48 H22    H  N N 210 
J48 H23    H  N N 211 
J48 H24    H  N N 212 
J48 H25    H  N N 213 
J48 H26    H  N N 214 
# 
loop_
_chem_comp_bond.comp_id 
_chem_comp_bond.atom_id_1 
_chem_comp_bond.atom_id_2 
_chem_comp_bond.value_order 
_chem_comp_bond.pdbx_aromatic_flag 
_chem_comp_bond.pdbx_stereo_config 
_chem_comp_bond.pdbx_ordinal 
A   OP3    P      sing N N 1   
A   OP3    HOP3   sing N N 2   
A   P      OP1    doub N N 3   
A   P      OP2    sing N N 4   
A   P      "O5'"  sing N N 5   
A   OP2    HOP2   sing N N 6   
A   "O5'"  "C5'"  sing N N 7   
A   "C5'"  "C4'"  sing N N 8   
A   "C5'"  "H5'"  sing N N 9   
A   "C5'"  "H5''" sing N N 10  
A   "C4'"  "O4'"  sing N N 11  
A   "C4'"  "C3'"  sing N N 12  
A   "C4'"  "H4'"  sing N N 13  
A   "O4'"  "C1'"  sing N N 14  
A   "C3'"  "O3'"  sing N N 15  
A   "C3'"  "C2'"  sing N N 16  
A   "C3'"  "H3'"  sing N N 17  
A   "O3'"  "HO3'" sing N N 18  
A   "C2'"  "O2'"  sing N N 19  
A   "C2'"  "C1'"  sing N N 20  
A   "C2'"  "H2'"  sing N N 21  
A   "O2'"  "HO2'" sing N N 22  
A   "C1'"  N9     sing N N 23  
A   "C1'"  "H1'"  sing N N 24  
A   N9     C8     sing Y N 25  
A   N9     C4     sing Y N 26  
A   C8     N7     doub Y N 27  
A   C8     H8     sing N N 28  
A   N7     C5     sing Y N 29  
A   C5     C6     sing Y N 30  
A   C5     C4     doub Y N 31  
A   C6     N6     sing N N 32  
A   C6     N1     doub Y N 33  
A   N6     H61    sing N N 34  
A   N6     H62    sing N N 35  
A   N1     C2     sing Y N 36  
A   C2     N3     doub Y N 37  
A   C2     H2     sing N N 38  
A   N3     C4     sing Y N 39  
C   OP3    P      sing N N 40  
C   OP3    HOP3   sing N N 41  
C   P      OP1    doub N N 42  
C   P      OP2    sing N N 43  
C   P      "O5'"  sing N N 44  
C   OP2    HOP2   sing N N 45  
C   "O5'"  "C5'"  sing N N 46  
C   "C5'"  "C4'"  sing N N 47  
C   "C5'"  "H5'"  sing N N 48  
C   "C5'"  "H5''" sing N N 49  
C   "C4'"  "O4'"  sing N N 50  
C   "C4'"  "C3'"  sing N N 51  
C   "C4'"  "H4'"  sing N N 52  
C   "O4'"  "C1'"  sing N N 53  
C   "C3'"  "O3'"  sing N N 54  
C   "C3'"  "C2'"  sing N N 55  
C   "C3'"  "H3'"  sing N N 56  
C   "O3'"  "HO3'" sing N N 57  
C   "C2'"  "O2'"  sing N N 58  
C   "C2'"  "C1'"  sing N N 59  
C   "C2'"  "H2'"  sing N N 60  
C   "O2'"  "HO2'" sing N N 61  
C   "C1'"  N1     sing N N 62  
C   "C1'"  "H1'"  sing N N 63  
C   N1     C2     sing N N 64  
C   N1     C6     sing N N 65  
C   C2     O2     doub N N 66  
C   C2     N3     sing N N 67  
C   N3     C4     doub N N 68  
C   C4     N4     sing N N 69  
C   C4     C5     sing N N 70  
C   N4     H41    sing N N 71  
C   N4     H42    sing N N 72  
C   C5     C6     doub N N 73  
C   C5     H5     sing N N 74  
C   C6     H6     sing N N 75  
CSL P      O2P    sing N N 76  
CSL P      O1P    doub N N 77  
CSL P      "O5'"  sing N N 78  
CSL P      O3P    sing N N 79  
CSL O2P    HOP2   sing N N 80  
CSL "O5'"  "C5'"  sing N N 81  
CSL "C5'"  "C4'"  sing N N 82  
CSL "C5'"  "H5'1" sing N N 83  
CSL "C5'"  "H5'2" sing N N 84  
CSL "C4'"  "O4'"  sing N N 85  
CSL "C4'"  "C3'"  sing N N 86  
CSL "C4'"  "H4'"  sing N N 87  
CSL "O4'"  "C1'"  sing N N 88  
CSL "C1'"  N1     sing N N 89  
CSL "C1'"  "C2'"  sing N N 90  
CSL "C1'"  "H1'"  sing N N 91  
CSL N1     C2     sing N N 92  
CSL N1     C6     sing N N 93  
CSL C2     O2     doub N N 94  
CSL C2     N3     sing N N 95  
CSL N3     C4     doub N N 96  
CSL C4     N4     sing N N 97  
CSL C4     C5     sing N N 98  
CSL N4     HN41   sing N N 99  
CSL N4     HN42   sing N N 100 
CSL C5     C6     doub N N 101 
CSL C5     H5     sing N N 102 
CSL C6     H6     sing N N 103 
CSL "C2'"  "SE2'" sing N N 104 
CSL "C2'"  "C3'"  sing N N 105 
CSL "C2'"  "H2'"  sing N N 106 
CSL "SE2'" "CA'"  sing N N 107 
CSL "CA'"  "HA'1" sing N N 108 
CSL "CA'"  "HA'2" sing N N 109 
CSL "CA'"  "HA'3" sing N N 110 
CSL "C3'"  "O3'"  sing N N 111 
CSL "C3'"  "H3'"  sing N N 112 
CSL "O3'"  H3T    sing N N 113 
CSL O3P    HOP3   sing N N 114 
G   OP3    P      sing N N 115 
G   OP3    HOP3   sing N N 116 
G   P      OP1    doub N N 117 
G   P      OP2    sing N N 118 
G   P      "O5'"  sing N N 119 
G   OP2    HOP2   sing N N 120 
G   "O5'"  "C5'"  sing N N 121 
G   "C5'"  "C4'"  sing N N 122 
G   "C5'"  "H5'"  sing N N 123 
G   "C5'"  "H5''" sing N N 124 
G   "C4'"  "O4'"  sing N N 125 
G   "C4'"  "C3'"  sing N N 126 
G   "C4'"  "H4'"  sing N N 127 
G   "O4'"  "C1'"  sing N N 128 
G   "C3'"  "O3'"  sing N N 129 
G   "C3'"  "C2'"  sing N N 130 
G   "C3'"  "H3'"  sing N N 131 
G   "O3'"  "HO3'" sing N N 132 
G   "C2'"  "O2'"  sing N N 133 
G   "C2'"  "C1'"  sing N N 134 
G   "C2'"  "H2'"  sing N N 135 
G   "O2'"  "HO2'" sing N N 136 
G   "C1'"  N9     sing N N 137 
G   "C1'"  "H1'"  sing N N 138 
G   N9     C8     sing Y N 139 
G   N9     C4     sing Y N 140 
G   C8     N7     doub Y N 141 
G   C8     H8     sing N N 142 
G   N7     C5     sing Y N 143 
G   C5     C6     sing N N 144 
G   C5     C4     doub Y N 145 
G   C6     O6     doub N N 146 
G   C6     N1     sing N N 147 
G   N1     C2     sing N N 148 
G   N1     H1     sing N N 149 
G   C2     N2     sing N N 150 
G   C2     N3     doub N N 151 
G   N2     H21    sing N N 152 
G   N2     H22    sing N N 153 
G   N3     C4     sing N N 154 
HOH O      H1     sing N N 155 
HOH O      H2     sing N N 156 
J48 C17    C18    doub Y N 157 
J48 C17    C12    sing Y N 158 
J48 O28    C26    doub N N 159 
J48 C18    C19    sing Y N 160 
J48 C11    C12    doub Y N 161 
J48 C11    C16    sing Y N 162 
J48 C12    C13    sing Y N 163 
J48 C26    N25    sing N N 164 
J48 C26    O27    sing N N 165 
J48 C31    C37    sing N N 166 
J48 C31    O27    sing N N 167 
J48 C19    N25    sing N N 168 
J48 C19    N20    doub Y N 169 
J48 C16    C15    doub Y N 170 
J48 C37    C33    sing N N 171 
J48 C13    N20    sing Y N 172 
J48 C13    N14    doub Y N 173 
J48 C15    N14    sing Y N 174 
J48 C15    C36    sing N N 175 
J48 C33    C32    doub N E 176 
J48 C32    C30    sing N N 177 
J48 C36    N35    sing N N 178 
J48 N35    C34    sing N N 179 
J48 C30    C29    sing N N 180 
J48 O23    C29    sing N N 181 
J48 O23    C22    sing N N 182 
J48 C34    C6     sing N N 183 
J48 N21    C22    sing N N 184 
J48 N21    C8     sing N N 185 
J48 N1     C6     doub Y N 186 
J48 N1     C2     sing Y N 187 
J48 N7     C8     doub Y N 188 
J48 N7     C2     sing Y N 189 
J48 C22    O24    doub N N 190 
J48 C6     C5     sing Y N 191 
J48 C8     C9     sing Y N 192 
J48 C2     C3     doub Y N 193 
J48 C5     C4     doub Y N 194 
J48 C9     C10    doub Y N 195 
J48 C3     C4     sing Y N 196 
J48 C3     C10    sing Y N 197 
J48 C9     H1     sing N N 198 
J48 C10    H2     sing N N 199 
J48 C11    H3     sing N N 200 
J48 C5     H4     sing N N 201 
J48 C4     H5     sing N N 202 
J48 C16    H6     sing N N 203 
J48 C17    H7     sing N N 204 
J48 C18    H8     sing N N 205 
J48 C29    H9     sing N N 206 
J48 C29    H10    sing N N 207 
J48 C30    H11    sing N N 208 
J48 C30    H12    sing N N 209 
J48 C31    H13    sing N N 210 
J48 C31    H14    sing N N 211 
J48 C32    H15    sing N N 212 
J48 C33    H16    sing N N 213 
J48 C34    H17    sing N N 214 
J48 C34    H18    sing N N 215 
J48 C36    H19    sing N N 216 
J48 C36    H20    sing N N 217 
J48 C37    H21    sing N N 218 
J48 C37    H22    sing N N 219 
J48 N21    H23    sing N N 220 
J48 N25    H24    sing N N 221 
J48 N35    H25    sing N N 222 
J48 N35    H26    sing N N 223 
# 
_ndb_struct_conf_na.entry_id   6QIQ 
_ndb_struct_conf_na.feature    'double helix' 
# 
loop_
_ndb_struct_na_base_pair.model_number 
_ndb_struct_na_base_pair.i_label_asym_id 
_ndb_struct_na_base_pair.i_label_comp_id 
_ndb_struct_na_base_pair.i_label_seq_id 
_ndb_struct_na_base_pair.i_symmetry 
_ndb_struct_na_base_pair.j_label_asym_id 
_ndb_struct_na_base_pair.j_label_comp_id 
_ndb_struct_na_base_pair.j_label_seq_id 
_ndb_struct_na_base_pair.j_symmetry 
_ndb_struct_na_base_pair.shear 
_ndb_struct_na_base_pair.stretch 
_ndb_struct_na_base_pair.stagger 
_ndb_struct_na_base_pair.buckle 
_ndb_struct_na_base_pair.propeller 
_ndb_struct_na_base_pair.opening 
_ndb_struct_na_base_pair.pair_number 
_ndb_struct_na_base_pair.pair_name 
_ndb_struct_na_base_pair.i_auth_asym_id 
_ndb_struct_na_base_pair.i_auth_seq_id 
_ndb_struct_na_base_pair.i_PDB_ins_code 
_ndb_struct_na_base_pair.j_auth_asym_id 
_ndb_struct_na_base_pair.j_auth_seq_id 
_ndb_struct_na_base_pair.j_PDB_ins_code 
_ndb_struct_na_base_pair.hbond_type_28 
_ndb_struct_na_base_pair.hbond_type_12 
1 A G   1 1_555 B C   8 1_555  0.050   -0.280  0.110   -0.906  -7.267  -2.925  1  A_G1:C8_B   A 1 ? B 8 ? 19 1 
1 A C   2 1_555 B G   7 1_555  -0.387  0.060   0.429   -1.363  -12.381 4.739   2  A_C2:G7_B   A 2 ? B 7 ? 19 1 
1 A G   7 1_555 B C   2 1_555  -0.075  -0.207  0.112   -0.618  -5.032  -1.231  3  A_G7:C2_B   A 7 ? B 2 ? 19 1 
1 A C   8 1_555 B G   1 1_555  0.207   -0.150  -0.090  3.839   -6.340  2.553   4  A_C8:G1_B   A 8 ? B 1 ? 19 1 
1 A G   1 1_555 A C   8 8_555  26.600  17.745  -28.147 -2.950  2.827   -19.397 5  A_G1:C8_A   A 1 ? A 8 ? 19 1 
1 A C   8 1_555 A G   1 8_555  -26.600 -17.745 28.147  2.950   -2.827  19.397  6  A_C8:G1_A   A 8 ? A 1 ? 19 1 
1 A G   4 1_555 A CSL 5 8_555  0.528   0.051   -0.506  -12.444 14.885  -4.748  7  A_G4:CSL5_A A 4 ? A 5 ? 19 1 
1 A CSL 5 1_555 A G   4 8_555  -0.528  0.051   -0.506  12.444  14.885  -4.748  8  A_CSL5:G4_A A 5 ? A 4 ? 19 1 
1 B G   1 1_555 B C   8 12_564 27.261  14.911  -24.321 -43.368 -40.141 -5.136  9  B_G1:C8_B   B 1 ? B 8 ? 19 1 
1 B C   8 1_555 B G   1 12_564 -27.261 -14.911 24.321  43.368  40.141  5.136   10 B_C8:G1_B   B 8 ? B 1 ? 19 1 
1 B G   4 1_555 B CSL 5 12_564 -0.062  0.132   -0.048  -14.846 8.109   4.574   11 B_G4:CSL5_B B 4 ? B 5 ? 19 1 
1 B CSL 5 1_555 B G   4 12_564 0.062   0.132   -0.048  14.846  8.109   4.574   12 B_CSL5:G4_B B 5 ? B 4 ? 19 1 
# 
loop_
_ndb_struct_na_base_pair_step.model_number 
_ndb_struct_na_base_pair_step.i_label_asym_id_1 
_ndb_struct_na_base_pair_step.i_label_comp_id_1 
_ndb_struct_na_base_pair_step.i_label_seq_id_1 
_ndb_struct_na_base_pair_step.i_symmetry_1 
_ndb_struct_na_base_pair_step.j_label_asym_id_1 
_ndb_struct_na_base_pair_step.j_label_comp_id_1 
_ndb_struct_na_base_pair_step.j_label_seq_id_1 
_ndb_struct_na_base_pair_step.j_symmetry_1 
_ndb_struct_na_base_pair_step.i_label_asym_id_2 
_ndb_struct_na_base_pair_step.i_label_comp_id_2 
_ndb_struct_na_base_pair_step.i_label_seq_id_2 
_ndb_struct_na_base_pair_step.i_symmetry_2 
_ndb_struct_na_base_pair_step.j_label_asym_id_2 
_ndb_struct_na_base_pair_step.j_label_comp_id_2 
_ndb_struct_na_base_pair_step.j_label_seq_id_2 
_ndb_struct_na_base_pair_step.j_symmetry_2 
_ndb_struct_na_base_pair_step.shift 
_ndb_struct_na_base_pair_step.slide 
_ndb_struct_na_base_pair_step.rise 
_ndb_struct_na_base_pair_step.tilt 
_ndb_struct_na_base_pair_step.roll 
_ndb_struct_na_base_pair_step.twist 
_ndb_struct_na_base_pair_step.x_displacement 
_ndb_struct_na_base_pair_step.y_displacement 
_ndb_struct_na_base_pair_step.helical_rise 
_ndb_struct_na_base_pair_step.inclination 
_ndb_struct_na_base_pair_step.tip 
_ndb_struct_na_base_pair_step.helical_twist 
_ndb_struct_na_base_pair_step.step_number 
_ndb_struct_na_base_pair_step.step_name 
_ndb_struct_na_base_pair_step.i_auth_asym_id_1 
_ndb_struct_na_base_pair_step.i_auth_seq_id_1 
_ndb_struct_na_base_pair_step.i_PDB_ins_code_1 
_ndb_struct_na_base_pair_step.j_auth_asym_id_1 
_ndb_struct_na_base_pair_step.j_auth_seq_id_1 
_ndb_struct_na_base_pair_step.j_PDB_ins_code_1 
_ndb_struct_na_base_pair_step.i_auth_asym_id_2 
_ndb_struct_na_base_pair_step.i_auth_seq_id_2 
_ndb_struct_na_base_pair_step.i_PDB_ins_code_2 
_ndb_struct_na_base_pair_step.j_auth_asym_id_2 
_ndb_struct_na_base_pair_step.j_auth_seq_id_2 
_ndb_struct_na_base_pair_step.j_PDB_ins_code_2 
1 A G 1 1_555 B C   8 1_555  A C   2 1_555 B G 7 1_555  -0.303 -2.010 3.208 -5.019  4.084   27.098   -5.101 -0.506 2.887 8.562  
10.522 27.846   1 AA_G1C2:G7C8_BB     A 1 ? B 8 ? A 2 ? B 7 ? 
1 A G 7 1_555 B C   2 1_555  A C   8 1_555 B G 1 1_555  0.118  -2.171 3.202 2.644   -1.239  32.376   -3.664 0.248  3.280 -2.217 
-4.731 32.504   2 AA_G7C8:G1C2_BB     A 7 ? B 2 ? A 8 ? B 1 ? 
1 A G 1 1_555 A C   8 8_555  A C   8 1_555 A G 1 8_555  -2.355 5.050  0.000 -12.984 -23.457 -180.000 -2.525 -1.182 0.000 11.737 
-6.476 -180.000 3 AA_G1C8:G1C8_AA     A 1 ? A 8 ? A 8 ? A 1 ? 
1 A G 4 1_555 A CSL 5 8_555  A CSL 5 1_555 A G 4 8_555  0.000  -0.218 2.918 0.000   21.018  2.044    -7.983 0.000  0.067 84.508 
0.000  21.116   4 AA_G4CSL5:G4CSL5_AA A 4 ? A 5 ? A 5 ? A 4 ? 
1 B G 1 1_555 B C   8 12_564 B C   8 1_555 B G 1 12_564 5.514  3.081  0.000 1.146   22.043  180.000  1.541  -2.757 0.000 11.021 
-0.573 180.000  5 BB_G1C8:G1C8_BB     B 1 ? B 8 ? B 8 ? B 1 ? 
1 B G 4 1_555 B CSL 5 12_564 B CSL 5 1_555 B G 4 12_564 0.000  -0.996 2.579 0.000   13.775  29.671   -3.507 0.000  1.939 25.256 
0.000  32.648   6 BB_G4CSL5:G4CSL5_BB B 4 ? B 5 ? B 5 ? B 4 ? 
# 
_pdbx_audit_support.funding_organization   ? 
_pdbx_audit_support.country                Poland 
_pdbx_audit_support.grant_number           'NCN 2017/26/E/NZ1/00950' 
_pdbx_audit_support.ordinal                1 
# 
_atom_sites.entry_id                    6QIQ 
_atom_sites.fract_transf_matrix[1][1]   0.00573775 
_atom_sites.fract_transf_matrix[1][2]   0.01335333 
_atom_sites.fract_transf_matrix[1][3]   0.01989452 
_atom_sites.fract_transf_matrix[2][1]   0.02229367 
_atom_sites.fract_transf_matrix[2][2]   0.01031513 
_atom_sites.fract_transf_matrix[2][3]   0.00190297 
_atom_sites.fract_transf_matrix[3][1]   -0.00159795 
_atom_sites.fract_transf_matrix[3][2]   0.00384462 
_atom_sites.fract_transf_matrix[3][3]   -0.00211967 
_atom_sites.fract_transf_vector[1]      0.058489 
_atom_sites.fract_transf_vector[2]      0.388027 
_atom_sites.fract_transf_vector[3]      -0.019389 
# 
loop_
_atom_type.symbol 
C  
N  
O  
P  
SE 
# 
loop_
_atom_site.group_PDB 
_atom_site.id 
_atom_site.type_symbol 
_atom_site.label_atom_id 
_atom_site.label_alt_id 
_atom_site.label_comp_id 
_atom_site.label_asym_id 
_atom_site.label_entity_id 
_atom_site.label_seq_id 
_atom_site.pdbx_PDB_ins_code 
_atom_site.Cartn_x 
_atom_site.Cartn_y 
_atom_site.Cartn_z 
_atom_site.occupancy 
_atom_site.B_iso_or_equiv 
_atom_site.pdbx_formal_charge 
_atom_site.auth_seq_id 
_atom_site.auth_comp_id 
_atom_site.auth_asym_id 
_atom_site.auth_atom_id 
_atom_site.pdbx_PDB_model_num 
ATOM   1   O  "O5'"  . G   A 1 1 ? 4.680   6.140   -10.658 1.00 86.08  ? 1   G   A "O5'"  1 
ATOM   2   C  "C5'"  . G   A 1 1 ? 3.975   7.215   -11.243 1.00 87.80  ? 1   G   A "C5'"  1 
ATOM   3   C  "C4'"  . G   A 1 1 ? 2.688   6.709   -11.811 1.00 92.87  ? 1   G   A "C4'"  1 
ATOM   4   O  "O4'"  . G   A 1 1 ? 2.965   5.487   -12.535 1.00 88.18  ? 1   G   A "O4'"  1 
ATOM   5   C  "C3'"  . G   A 1 1 ? 1.655   6.305   -10.785 1.00 87.30  ? 1   G   A "C3'"  1 
ATOM   6   O  "O3'"  . G   A 1 1 ? 0.901   7.421   -10.367 1.00 110.68 ? 1   G   A "O3'"  1 
ATOM   7   C  "C2'"  . G   A 1 1 ? 0.842   5.289   -11.547 1.00 86.64  ? 1   G   A "C2'"  1 
ATOM   8   O  "O2'"  . G   A 1 1 ? 0.063   5.980   -12.500 1.00 88.25  ? 1   G   A "O2'"  1 
ATOM   9   C  "C1'"  . G   A 1 1 ? 1.932   4.569   -12.323 1.00 85.60  ? 1   G   A "C1'"  1 
ATOM   10  N  N9     . G   A 1 1 ? 2.528   3.388   -11.661 1.00 84.95  ? 1   G   A N9     1 
ATOM   11  C  C8     . G   A 1 1 ? 3.790   3.275   -11.110 1.00 83.10  ? 1   G   A C8     1 
ATOM   12  N  N7     . G   A 1 1 ? 4.061   2.077   -10.653 1.00 81.60  ? 1   G   A N7     1 
ATOM   13  C  C5     . G   A 1 1 ? 2.903   1.350   -10.963 1.00 81.22  ? 1   G   A C5     1 
ATOM   14  C  C6     . G   A 1 1 ? 2.566   -0.009  -10.744 1.00 79.88  ? 1   G   A C6     1 
ATOM   15  O  O6     . G   A 1 1 ? 3.217   -0.914  -10.228 1.00 80.11  ? 1   G   A O6     1 
ATOM   16  N  N1     . G   A 1 1 ? 1.314   -0.296  -11.218 1.00 80.14  ? 1   G   A N1     1 
ATOM   17  C  C2     . G   A 1 1 ? 0.479   0.600   -11.833 1.00 81.57  ? 1   G   A C2     1 
ATOM   18  N  N2     . G   A 1 1 ? -0.729  0.148   -12.203 1.00 81.77  ? 1   G   A N2     1 
ATOM   19  N  N3     . G   A 1 1 ? 0.774   1.859   -12.049 1.00 82.86  ? 1   G   A N3     1 
ATOM   20  C  C4     . G   A 1 1 ? 1.979   2.151   -11.589 1.00 82.56  ? 1   G   A C4     1 
ATOM   21  P  P      . C   A 1 2 ? 0.158   7.476   -8.944  1.00 88.97  ? 2   C   A P      1 
ATOM   22  O  OP1    . C   A 1 2 ? 0.016   8.874   -8.494  1.00 99.18  ? 2   C   A OP1    1 
ATOM   23  O  OP2    . C   A 1 2 ? 0.650   6.419   -8.066  1.00 87.15  ? 2   C   A OP2    1 
ATOM   24  O  "O5'"  . C   A 1 2 ? -1.273  6.990   -9.321  1.00 91.52  ? 2   C   A "O5'"  1 
ATOM   25  C  "C5'"  . C   A 1 2 ? -1.538  5.678   -9.003  1.00 87.59  ? 2   C   A "C5'"  1 
ATOM   26  C  "C4'"  . C   A 1 2 ? -2.687  5.119   -9.744  1.00 87.79  ? 2   C   A "C4'"  1 
ATOM   27  O  "O4'"  . C   A 1 2 ? -2.163  4.041   -10.537 1.00 86.37  ? 2   C   A "O4'"  1 
ATOM   28  C  "C3'"  . C   A 1 2 ? -3.638  4.487   -8.752  1.00 95.97  ? 2   C   A "C3'"  1 
ATOM   29  O  "O3'"  . C   A 1 2 ? -4.741  5.322   -8.482  1.00 94.37  ? 2   C   A "O3'"  1 
ATOM   30  C  "C2'"  . C   A 1 2 ? -3.954  3.110   -9.309  1.00 86.08  ? 2   C   A "C2'"  1 
ATOM   31  O  "O2'"  . C   A 1 2 ? -5.108  3.168   -10.126 1.00 87.23  ? 2   C   A "O2'"  1 
ATOM   32  C  "C1'"  . C   A 1 2 ? -2.710  2.821   -10.147 1.00 85.15  ? 2   C   A "C1'"  1 
ATOM   33  N  N1     . C   A 1 2 ? -1.623  2.110   -9.434  1.00 83.50  ? 2   C   A N1     1 
ATOM   34  C  C2     . C   A 1 2 ? -1.743  0.781   -9.066  1.00 82.04  ? 2   C   A C2     1 
ATOM   35  O  O2     . C   A 1 2 ? -2.812  0.217   -9.296  1.00 91.86  ? 2   C   A O2     1 
ATOM   36  N  N3     . C   A 1 2 ? -0.701  0.156   -8.450  1.00 80.73  ? 2   C   A N3     1 
ATOM   37  C  C4     . C   A 1 2 ? 0.439   0.800   -8.190  1.00 80.84  ? 2   C   A C4     1 
ATOM   38  N  N4     . C   A 1 2 ? 1.415   0.138   -7.578  1.00 79.70  ? 2   C   A N4     1 
ATOM   39  C  C5     . C   A 1 2 ? 0.590   2.155   -8.555  1.00 82.28  ? 2   C   A C5     1 
ATOM   40  C  C6     . C   A 1 2 ? -0.432  2.737   -9.182  1.00 83.53  ? 2   C   A C6     1 
ATOM   41  P  P      . A   A 1 3 ? -4.933  5.830   -6.987  1.00 97.25  ? 3   A   A P      1 
ATOM   42  O  OP1    . A   A 1 3 ? -6.225  6.538   -6.903  1.00 93.07  ? 3   A   A OP1    1 
ATOM   43  O  OP2    . A   A 1 3 ? -3.675  6.450   -6.526  1.00 93.23  ? 3   A   A OP2    1 
ATOM   44  O  "O5'"  . A   A 1 3 ? -5.131  4.466   -6.238  1.00 90.55  ? 3   A   A "O5'"  1 
ATOM   45  C  "C5'"  . A   A 1 3 ? -6.192  3.614   -6.632  1.00 87.84  ? 3   A   A "C5'"  1 
ATOM   46  C  "C4'"  . A   A 1 3 ? -6.987  3.169   -5.441  1.00 91.75  ? 3   A   A "C4'"  1 
ATOM   47  O  "O4'"  . A   A 1 3 ? -6.180  2.332   -4.582  1.00 86.09  ? 3   A   A "O4'"  1 
ATOM   48  C  "C3'"  . A   A 1 3 ? -7.522  4.277   -4.553  1.00 89.57  ? 3   A   A "C3'"  1 
ATOM   49  O  "O3'"  . A   A 1 3 ? -8.657  3.734   -3.939  1.00 98.14  ? 3   A   A "O3'"  1 
ATOM   50  C  "C2'"  . A   A 1 3 ? -6.462  4.380   -3.478  1.00 91.68  ? 3   A   A "C2'"  1 
ATOM   51  O  "O2'"  . A   A 1 3 ? -6.934  4.953   -2.283  1.00 99.12  ? 3   A   A "O2'"  1 
ATOM   52  C  "C1'"  . A   A 1 3 ? -6.108  2.913   -3.290  1.00 87.90  ? 3   A   A "C1'"  1 
ATOM   53  N  N9     . A   A 1 3 ? -4.761  2.673   -2.800  1.00 85.36  ? 3   A   A N9     1 
ATOM   54  C  C8     . A   A 1 3 ? -3.718  3.534   -2.651  1.00 86.17  ? 3   A   A C8     1 
ATOM   55  N  N7     . A   A 1 3 ? -2.631  2.930   -2.215  1.00 85.82  ? 3   A   A N7     1 
ATOM   56  C  C5     . A   A 1 3 ? -2.989  1.598   -2.094  1.00 83.03  ? 3   A   A C5     1 
ATOM   57  C  C6     . A   A 1 3 ? -2.296  0.446   -1.684  1.00 81.67  ? 3   A   A C6     1 
ATOM   58  N  N6     . A   A 1 3 ? -1.030  0.448   -1.292  1.00 80.86  ? 3   A   A N6     1 
ATOM   59  N  N1     . A   A 1 3 ? -2.950  -0.737  -1.676  1.00 84.49  ? 3   A   A N1     1 
ATOM   60  C  C2     . A   A 1 3 ? -4.229  -0.737  -2.066  1.00 82.19  ? 3   A   A C2     1 
ATOM   61  N  N3     . A   A 1 3 ? -4.993  0.279   -2.473  1.00 82.94  ? 3   A   A N3     1 
ATOM   62  C  C4     . A   A 1 3 ? -4.303  1.432   -2.458  1.00 85.73  ? 3   A   A C4     1 
ATOM   63  P  P      . G   A 1 4 ? -10.092 4.233   -4.360  1.00 108.77 ? 4   G   A P      1 
ATOM   64  O  OP1    . G   A 1 4 ? -10.762 2.953   -4.770  1.00 91.29  ? 4   G   A OP1    1 
ATOM   65  O  OP2    . G   A 1 4 ? -9.957  5.374   -5.301  1.00 106.24 ? 4   G   A OP2    1 
ATOM   66  O  "O5'"  . G   A 1 4 ? -10.551 4.894   -2.986  1.00 98.57  ? 4   G   A "O5'"  1 
ATOM   67  C  "C5'"  . G   A 1 4 ? -11.849 5.382   -2.747  1.00 95.90  ? 4   G   A "C5'"  1 
ATOM   68  C  "C4'"  . G   A 1 4 ? -12.192 5.236   -1.287  1.00 95.64  ? 4   G   A "C4'"  1 
ATOM   69  O  "O4'"  . G   A 1 4 ? -13.542 4.764   -1.192  1.00 101.23 ? 4   G   A "O4'"  1 
ATOM   70  C  "C3'"  . G   A 1 4 ? -11.340 4.224   -0.520  1.00 93.40  ? 4   G   A "C3'"  1 
ATOM   71  O  "O3'"  . G   A 1 4 ? -10.313 4.876   0.198   1.00 94.59  ? 4   G   A "O3'"  1 
ATOM   72  C  "C2'"  . G   A 1 4 ? -12.313 3.537   0.405   1.00 93.75  ? 4   G   A "C2'"  1 
ATOM   73  O  "O2'"  . G   A 1 4 ? -12.415 4.276   1.609   1.00 119.59 ? 4   G   A "O2'"  1 
ATOM   74  C  "C1'"  . G   A 1 4 ? -13.629 3.663   -0.346  1.00 105.33 ? 4   G   A "C1'"  1 
ATOM   75  N  N9     . G   A 1 4 ? -13.956 2.521   -1.207  1.00 105.86 ? 4   G   A N9     1 
ATOM   76  C  C8     . G   A 1 4 ? -13.350 2.212   -2.402  1.00 94.58  ? 4   G   A C8     1 
ATOM   77  N  N7     . G   A 1 4 ? -13.909 1.180   -2.959  1.00 92.63  ? 4   G   A N7     1 
ATOM   78  C  C5     . G   A 1 4 ? -14.959 0.814   -2.117  1.00 99.30  ? 4   G   A C5     1 
ATOM   79  C  C6     . G   A 1 4 ? -15.922 -0.228  -2.195  1.00 93.61  ? 4   G   A C6     1 
ATOM   80  O  O6     . G   A 1 4 ? -16.065 -1.100  -3.035  1.00 93.55  ? 4   G   A O6     1 
ATOM   81  N  N1     . G   A 1 4 ? -16.794 -0.256  -1.129  1.00 97.26  ? 4   G   A N1     1 
ATOM   82  C  C2     . G   A 1 4 ? -16.774 0.624   -0.093  1.00 100.81 ? 4   G   A C2     1 
ATOM   83  N  N2     . G   A 1 4 ? -17.725 0.408   0.820   1.00 97.12  ? 4   G   A N2     1 
ATOM   84  N  N3     . G   A 1 4 ? -15.892 1.612   0.008   1.00 100.50 ? 4   G   A N3     1 
ATOM   85  C  C4     . G   A 1 4 ? -15.018 1.651   -1.030  1.00 100.15 ? 4   G   A C4     1 
HETATM 86  P  P      . CSL A 1 5 ? -8.970  4.124   0.599   1.00 96.16  ? 5   CSL A P      1 
HETATM 87  O  O2P    . CSL A 1 5 ? -8.188  5.055   1.443   1.00 95.12  ? 5   CSL A O2P    1 
HETATM 88  O  O1P    . CSL A 1 5 ? -8.228  3.582   -0.661  1.00 98.29  ? 5   CSL A O1P    1 
HETATM 89  O  "O5'"  . CSL A 1 5 ? -9.484  2.845   1.479   1.00 90.04  ? 5   CSL A "O5'"  1 
HETATM 90  C  "C5'"  . CSL A 1 5 ? -9.900  3.188   2.814   1.00 98.76  ? 5   CSL A "C5'"  1 
HETATM 91  C  "C4'"  . CSL A 1 5 ? -10.369 1.935   3.499   1.00 95.51  ? 5   CSL A "C4'"  1 
HETATM 92  O  "O4'"  . CSL A 1 5 ? -11.499 1.388   2.795   1.00 105.32 ? 5   CSL A "O4'"  1 
HETATM 93  C  "C1'"  . CSL A 1 5 ? -11.230 0.023   2.534   1.00 112.17 ? 5   CSL A "C1'"  1 
HETATM 94  N  N1     . CSL A 1 5 ? -12.012 -0.400  1.369   1.00 111.64 ? 5   CSL A N1     1 
HETATM 95  C  C2     . CSL A 1 5 ? -13.227 -1.045  1.596   1.00 106.40 ? 5   CSL A C2     1 
HETATM 96  O  O2     . CSL A 1 5 ? -13.726 -0.993  2.718   1.00 109.08 ? 5   CSL A O2     1 
HETATM 97  N  N3     . CSL A 1 5 ? -13.849 -1.647  0.552   1.00 109.85 ? 5   CSL A N3     1 
HETATM 98  C  C4     . CSL A 1 5 ? -13.325 -1.587  -0.681  1.00 108.24 ? 5   CSL A C4     1 
HETATM 99  N  N4     . CSL A 1 5 ? -13.946 -2.245  -1.654  1.00 107.55 ? 5   CSL A N4     1 
HETATM 100 C  C5     . CSL A 1 5 ? -12.120 -0.873  -0.948  1.00 96.14  ? 5   CSL A C5     1 
HETATM 101 C  C6     . CSL A 1 5 ? -11.501 -0.301  0.093   1.00 105.99 ? 5   CSL A C6     1 
HETATM 102 C  "C2'"  . CSL A 1 5 ? -9.731  -0.006  2.296   1.00 111.33 ? 5   CSL A "C2'"  1 
HETATM 103 SE "SE2'" . CSL A 1 5 ? -9.140  -1.892  2.425   1.00 114.29 ? 5   CSL A "SE2'" 1 
HETATM 104 C  "CA'"  . CSL A 1 5 ? -9.063  -2.633  0.664   1.00 99.98  ? 5   CSL A "CA'"  1 
HETATM 105 C  "C3'"  . CSL A 1 5 ? -9.357  0.795   3.542   1.00 95.22  ? 5   CSL A "C3'"  1 
HETATM 106 O  "O3'"  . CSL A 1 5 ? -9.628  0.037   4.701   1.00 87.93  ? 5   CSL A "O3'"  1 
ATOM   107 P  P      . A   A 1 6 ? -8.720  0.189   5.974   1.00 102.89 ? 6   A   A P      1 
ATOM   108 O  OP1    . A   A 1 6 ? -9.651  -0.283  7.019   1.00 109.51 ? 6   A   A OP1    1 
ATOM   109 O  OP2    . A   A 1 6 ? -8.138  1.546   6.092   1.00 105.06 ? 6   A   A OP2    1 
ATOM   110 O  "O5'"  . A   A 1 6 ? -7.542  -0.865  5.752   1.00 89.04  ? 6   A   A "O5'"  1 
ATOM   111 C  "C5'"  . A   A 1 6 ? -7.750  -2.240  6.033   1.00 84.57  ? 6   A   A "C5'"  1 
ATOM   112 C  "C4'"  . A   A 1 6 ? -6.491  -2.950  6.470   1.00 83.15  ? 6   A   A "C4'"  1 
ATOM   113 O  "O4'"  . A   A 1 6 ? -5.513  -2.867  5.414   1.00 82.08  ? 6   A   A "O4'"  1 
ATOM   114 C  "C3'"  . A   A 1 6 ? -5.760  -2.409  7.697   1.00 83.99  ? 6   A   A "C3'"  1 
ATOM   115 O  "O3'"  . A   A 1 6 ? -6.301  -2.849  8.926   1.00 84.31  ? 6   A   A "O3'"  1 
ATOM   116 C  "C2'"  . A   A 1 6 ? -4.337  -2.899  7.472   1.00 88.55  ? 6   A   A "C2'"  1 
ATOM   117 O  "O2'"  . A   A 1 6 ? -4.214  -4.270  7.810   1.00 86.77  ? 6   A   A "O2'"  1 
ATOM   118 C  "C1'"  . A   A 1 6 ? -4.210  -2.763  5.960   1.00 91.13  ? 6   A   A "C1'"  1 
ATOM   119 N  N9     . A   A 1 6 ? -3.643  -1.455  5.567   1.00 85.59  ? 6   A   A N9     1 
ATOM   120 C  C8     . A   A 1 6 ? -4.334  -0.355  5.145   1.00 83.47  ? 6   A   A C8     1 
ATOM   121 N  N7     . A   A 1 6 ? -3.594  0.671   4.866   1.00 83.90  ? 6   A   A N7     1 
ATOM   122 C  C5     . A   A 1 6 ? -2.314  0.224   5.106   1.00 85.60  ? 6   A   A C5     1 
ATOM   123 C  C6     . A   A 1 6 ? -1.074  0.862   4.977   1.00 89.67  ? 6   A   A C6     1 
ATOM   124 N  N6     . A   A 1 6 ? -0.927  2.120   4.561   1.00 86.67  ? 6   A   A N6     1 
ATOM   125 N  N1     . A   A 1 6 ? 0.017   0.147   5.301   1.00 93.19  ? 6   A   A N1     1 
ATOM   126 C  C2     . A   A 1 6 ? -0.155  -1.118  5.711   1.00 90.14  ? 6   A   A C2     1 
ATOM   127 N  N3     . A   A 1 6 ? -1.261  -1.836  5.868   1.00 87.67  ? 6   A   A N3     1 
ATOM   128 C  C4     . A   A 1 6 ? -2.322  -1.087  5.545   1.00 86.09  ? 6   A   A C4     1 
ATOM   129 P  P      . G   A 1 7 ? -6.258  -1.883  10.203  1.00 104.49 ? 7   G   A P      1 
ATOM   130 O  OP1    . G   A 1 7 ? -6.550  -2.784  11.335  1.00 104.52 ? 7   G   A OP1    1 
ATOM   131 O  OP2    . G   A 1 7 ? -7.135  -0.734  9.891   1.00 93.27  ? 7   G   A OP2    1 
ATOM   132 O  "O5'"  . G   A 1 7 ? -4.741  -1.387  10.315  1.00 85.31  ? 7   G   A "O5'"  1 
ATOM   133 C  "C5'"  . G   A 1 7 ? -3.780  -2.192  10.986  1.00 84.46  ? 7   G   A "C5'"  1 
ATOM   134 C  "C4'"  . G   A 1 7 ? -2.326  -1.816  10.752  1.00 84.96  ? 7   G   A "C4'"  1 
ATOM   135 O  "O4'"  . G   A 1 7 ? -2.066  -1.421  9.386   1.00 87.80  ? 7   G   A "O4'"  1 
ATOM   136 C  "C3'"  . G   A 1 7 ? -1.740  -0.666  11.545  1.00 85.06  ? 7   G   A "C3'"  1 
ATOM   137 O  "O3'"  . G   A 1 7 ? -1.539  -0.956  12.908  1.00 85.65  ? 7   G   A "O3'"  1 
ATOM   138 C  "C2'"  . G   A 1 7 ? -0.449  -0.402  10.792  1.00 84.25  ? 7   G   A "C2'"  1 
ATOM   139 O  "O2'"  . G   A 1 7 ? 0.512   -1.404  11.076  1.00 93.89  ? 7   G   A "O2'"  1 
ATOM   140 C  "C1'"  . G   A 1 7 ? -0.906  -0.609  9.356   1.00 91.32  ? 7   G   A "C1'"  1 
ATOM   141 N  N9     . G   A 1 7 ? -1.185  0.664   8.671   1.00 95.54  ? 7   G   A N9     1 
ATOM   142 C  C8     . G   A 1 7 ? -2.368  1.201   8.227   1.00 85.17  ? 7   G   A C8     1 
ATOM   143 N  N7     . G   A 1 7 ? -2.235  2.359   7.643   1.00 85.98  ? 7   G   A N7     1 
ATOM   144 C  C5     . G   A 1 7 ? -0.864  2.591   7.711   1.00 85.56  ? 7   G   A C5     1 
ATOM   145 C  C6     . G   A 1 7 ? -0.088  3.668   7.234   1.00 86.11  ? 7   G   A C6     1 
ATOM   146 O  O6     . G   A 1 7 ? -0.467  4.668   6.653   1.00 87.11  ? 7   G   A O6     1 
ATOM   147 N  N1     . G   A 1 7 ? 1.253   3.505   7.491   1.00 85.53  ? 7   G   A N1     1 
ATOM   148 C  C2     . G   A 1 7 ? 1.795   2.442   8.139   1.00 84.59  ? 7   G   A C2     1 
ATOM   149 N  N2     . G   A 1 7 ? 3.116   2.489   8.300   1.00 84.37  ? 7   G   A N2     1 
ATOM   150 N  N3     . G   A 1 7 ? 1.109   1.416   8.594   1.00 84.06  ? 7   G   A N3     1 
ATOM   151 C  C4     . G   A 1 7 ? -0.206  1.561   8.340   1.00 92.06  ? 7   G   A C4     1 
ATOM   152 P  P      . C   A 1 8 ? -1.555  0.244   13.957  1.00 98.09  ? 8   C   A P      1 
ATOM   153 O  OP1    . C   A 1 8 ? -1.525  -0.399  15.276  1.00 93.19  ? 8   C   A OP1    1 
ATOM   154 O  OP2    . C   A 1 8 ? -2.640  1.181   13.623  1.00 90.97  ? 8   C   A OP2    1 
ATOM   155 O  "O5'"  . C   A 1 8 ? -0.184  0.990   13.651  1.00 88.29  ? 8   C   A "O5'"  1 
ATOM   156 C  "C5'"  . C   A 1 8 ? 1.051   0.320   13.857  1.00 88.16  ? 8   C   A "C5'"  1 
ATOM   157 C  "C4'"  . C   A 1 8 ? 2.233   1.195   13.536  1.00 86.66  ? 8   C   A "C4'"  1 
ATOM   158 O  "O4'"  . C   A 1 8 ? 2.199   1.555   12.146  1.00 86.01  ? 8   C   A "O4'"  1 
ATOM   159 C  "C3'"  . C   A 1 8 ? 2.300   2.542   14.241  1.00 88.41  ? 8   C   A "C3'"  1 
ATOM   160 O  "O3'"  . C   A 1 8 ? 2.722   2.460   15.586  1.00 90.40  ? 8   C   A "O3'"  1 
ATOM   161 C  "C2'"  . C   A 1 8 ? 3.242   3.323   13.342  1.00 88.27  ? 8   C   A "C2'"  1 
ATOM   162 O  "O2'"  . C   A 1 8 ? 4.579   2.922   13.558  1.00 87.81  ? 8   C   A "O2'"  1 
ATOM   163 C  "C1'"  . C   A 1 8 ? 2.820   2.809   11.964  1.00 90.59  ? 8   C   A "C1'"  1 
ATOM   164 N  N1     . C   A 1 8 ? 1.863   3.722   11.316  1.00 87.65  ? 8   C   A N1     1 
ATOM   165 C  C2     . C   A 1 8 ? 2.362   4.827   10.627  1.00 88.23  ? 8   C   A C2     1 
ATOM   166 O  O2     . C   A 1 8 ? 3.571   4.990   10.573  1.00 88.06  ? 8   C   A O2     1 
ATOM   167 N  N3     . C   A 1 8 ? 1.537   5.699   10.032  1.00 89.10  ? 8   C   A N3     1 
ATOM   168 C  C4     . C   A 1 8 ? 0.229   5.475   10.119  1.00 89.41  ? 8   C   A C4     1 
ATOM   169 N  N4     . C   A 1 8 ? -0.590  6.334   9.516   1.00 90.43  ? 8   C   A N4     1 
ATOM   170 C  C5     . C   A 1 8 ? -0.304  4.346   10.805  1.00 88.80  ? 8   C   A C5     1 
ATOM   171 C  C6     . C   A 1 8 ? 0.531   3.494   11.401  1.00 87.94  ? 8   C   A C6     1 
ATOM   172 O  "O5'"  . G   B 1 1 ? 4.218   13.845  4.427   1.00 105.92 ? 1   G   B "O5'"  1 
ATOM   173 C  "C5'"  . G   B 1 1 ? 5.623   13.933  4.316   1.00 108.64 ? 1   G   B "C5'"  1 
ATOM   174 C  "C4'"  . G   B 1 1 ? 6.308   13.053  5.322   1.00 106.19 ? 1   G   B "C4'"  1 
ATOM   175 O  "O4'"  . G   B 1 1 ? 5.587   13.082  6.573   1.00 105.29 ? 1   G   B "O4'"  1 
ATOM   176 C  "C3'"  . G   B 1 1 ? 6.358   11.585  4.981   1.00 92.99  ? 1   G   B "C3'"  1 
ATOM   177 O  "O3'"  . G   B 1 1 ? 7.373   11.287  4.064   1.00 110.23 ? 1   G   B "O3'"  1 
ATOM   178 C  "C2'"  . G   B 1 1 ? 6.577   10.953  6.338   1.00 98.72  ? 1   G   B "C2'"  1 
ATOM   179 O  "O2'"  . G   B 1 1 ? 7.909   11.172  6.775   1.00 108.90 ? 1   G   B "O2'"  1 
ATOM   180 C  "C1'"  . G   B 1 1 ? 5.658   11.810  7.188   1.00 107.85 ? 1   G   B "C1'"  1 
ATOM   181 N  N9     . G   B 1 1 ? 4.295   11.245  7.261   1.00 91.33  ? 1   G   B N9     1 
ATOM   182 C  C8     . G   B 1 1 ? 3.172   11.801  6.714   1.00 90.81  ? 1   G   B C8     1 
ATOM   183 N  N7     . G   B 1 1 ? 2.119   11.093  6.943   1.00 86.67  ? 1   G   B N7     1 
ATOM   184 C  C5     . G   B 1 1 ? 2.567   9.993   7.669   1.00 84.23  ? 1   G   B C5     1 
ATOM   185 C  C6     . G   B 1 1 ? 1.869   8.875   8.196   1.00 86.32  ? 1   G   B C6     1 
ATOM   186 O  O6     . G   B 1 1 ? 0.681   8.616   8.106   1.00 96.81  ? 1   G   B O6     1 
ATOM   187 N  N1     . G   B 1 1 ? 2.684   7.994   8.868   1.00 81.77  ? 1   G   B N1     1 
ATOM   188 C  C2     . G   B 1 1 ? 4.027   8.187   9.016   1.00 90.85  ? 1   G   B C2     1 
ATOM   189 N  N2     . G   B 1 1 ? 4.667   7.239   9.697   1.00 81.24  ? 1   G   B N2     1 
ATOM   190 N  N3     . G   B 1 1 ? 4.701   9.223   8.541   1.00 86.36  ? 1   G   B N3     1 
ATOM   191 C  C4     . G   B 1 1 ? 3.912   10.082  7.879   1.00 87.10  ? 1   G   B C4     1 
ATOM   192 P  P      . C   B 1 2 ? 7.123   10.166  2.957   1.00 98.73  ? 2   C   B P      1 
ATOM   193 O  OP1    . C   B 1 2 ? 8.258   10.376  2.035   1.00 103.24 ? 2   C   B OP1    1 
ATOM   194 O  OP2    . C   B 1 2 ? 5.730   10.287  2.488   1.00 98.09  ? 2   C   B OP2    1 
ATOM   195 O  "O5'"  . C   B 1 2 ? 7.280   8.805   3.744   1.00 82.22  ? 2   C   B "O5'"  1 
ATOM   196 C  "C5'"  . C   B 1 2 ? 8.416   8.612   4.556   1.00 84.79  ? 2   C   B "C5'"  1 
ATOM   197 C  "C4'"  . C   B 1 2 ? 8.268   7.403   5.430   1.00 93.97  ? 2   C   B "C4'"  1 
ATOM   198 O  "O4'"  . C   B 1 2 ? 7.217   7.601   6.409   1.00 97.30  ? 2   C   B "O4'"  1 
ATOM   199 C  "C3'"  . C   B 1 2 ? 7.861   6.131   4.725   1.00 82.95  ? 2   C   B "C3'"  1 
ATOM   200 O  "O3'"  . C   B 1 2 ? 8.952   5.532   4.050   1.00 101.68 ? 2   C   B "O3'"  1 
ATOM   201 C  "C2'"  . C   B 1 2 ? 7.323   5.294   5.874   1.00 85.09  ? 2   C   B "C2'"  1 
ATOM   202 O  "O2'"  . C   B 1 2 ? 8.403   4.795   6.636   1.00 102.08 ? 2   C   B "O2'"  1 
ATOM   203 C  "C1'"  . C   B 1 2 ? 6.619   6.358   6.717   1.00 86.77  ? 2   C   B "C1'"  1 
ATOM   204 N  N1     . C   B 1 2 ? 5.181   6.444   6.409   1.00 83.77  ? 2   C   B N1     1 
ATOM   205 C  C2     . C   B 1 2 ? 4.324   5.454   6.859   1.00 79.92  ? 2   C   B C2     1 
ATOM   206 O  O2     . C   B 1 2 ? 4.803   4.547   7.533   1.00 88.67  ? 2   C   B O2     1 
ATOM   207 N  N3     . C   B 1 2 ? 3.017   5.507   6.555   1.00 71.51  ? 2   C   B N3     1 
ATOM   208 C  C4     . C   B 1 2 ? 2.579   6.530   5.828   1.00 82.07  ? 2   C   B C4     1 
ATOM   209 N  N4     . C   B 1 2 ? 1.283   6.608   5.547   1.00 80.11  ? 2   C   B N4     1 
ATOM   210 C  C5     . C   B 1 2 ? 3.437   7.559   5.361   1.00 87.54  ? 2   C   B C5     1 
ATOM   211 C  C6     . C   B 1 2 ? 4.722   7.478   5.668   1.00 84.25  ? 2   C   B C6     1 
ATOM   212 P  P      . A   B 1 3 ? 8.727   4.688   2.711   1.00 100.01 ? 3   A   B P      1 
ATOM   213 O  OP1    . A   B 1 3 ? 10.080  4.294   2.279   1.00 113.27 ? 3   A   B OP1    1 
ATOM   214 O  OP2    . A   B 1 3 ? 7.809   5.363   1.770   1.00 93.00  ? 3   A   B OP2    1 
ATOM   215 O  "O5'"  . A   B 1 3 ? 7.908   3.426   3.190   1.00 83.04  ? 3   A   B "O5'"  1 
ATOM   216 C  "C5'"  . A   B 1 3 ? 8.513   2.397   3.947   1.00 82.37  ? 3   A   B "C5'"  1 
ATOM   217 C  "C4'"  . A   B 1 3 ? 8.286   1.036   3.303   1.00 82.95  ? 3   A   B "C4'"  1 
ATOM   218 O  "O4'"  . A   B 1 3 ? 6.865   0.764   3.144   1.00 78.28  ? 3   A   B "O4'"  1 
ATOM   219 C  "C3'"  . A   B 1 3 ? 8.907   0.849   1.929   1.00 81.95  ? 3   A   B "C3'"  1 
ATOM   220 O  "O3'"  . A   B 1 3 ? 9.350   -0.493  1.857   1.00 101.22 ? 3   A   B "O3'"  1 
ATOM   221 C  "C2'"  . A   B 1 3 ? 7.719   1.060   0.995   1.00 79.38  ? 3   A   B "C2'"  1 
ATOM   222 O  "O2'"  . A   B 1 3 ? 7.854   0.436   -0.262  1.00 94.06  ? 3   A   B "O2'"  1 
ATOM   223 C  "C1'"  . A   B 1 3 ? 6.598   0.437   1.797   1.00 73.46  ? 3   A   B "C1'"  1 
ATOM   224 N  N9     . A   B 1 3 ? 5.259   0.911   1.455   1.00 69.73  ? 3   A   B N9     1 
ATOM   225 C  C8     . A   B 1 3 ? 4.868   2.011   0.742   1.00 69.69  ? 3   A   B C8     1 
ATOM   226 N  N7     . A   B 1 3 ? 3.559   2.125   0.619   1.00 62.74  ? 3   A   B N7     1 
ATOM   227 C  C5     . A   B 1 3 ? 3.075   1.018   1.296   1.00 65.53  ? 3   A   B C5     1 
ATOM   228 C  C6     . A   B 1 3 ? 1.767   0.565   1.561   1.00 72.81  ? 3   A   B C6     1 
ATOM   229 N  N6     . A   B 1 3 ? 0.682   1.212   1.115   1.00 67.99  ? 3   A   B N6     1 
ATOM   230 N  N1     . A   B 1 3 ? 1.613   -0.572  2.288   1.00 71.86  ? 3   A   B N1     1 
ATOM   231 C  C2     . A   B 1 3 ? 2.714   -1.204  2.713   1.00 75.04  ? 3   A   B C2     1 
ATOM   232 N  N3     . A   B 1 3 ? 4.000   -0.871  2.531   1.00 77.96  ? 3   A   B N3     1 
ATOM   233 C  C4     . A   B 1 3 ? 4.107   0.263   1.808   1.00 69.21  ? 3   A   B C4     1 
ATOM   234 P  P      . G   B 1 4 ? 10.519  -0.952  2.834   1.00 115.20 ? 4   G   B P      1 
ATOM   235 O  OP1    . G   B 1 4 ? 9.994   -1.767  3.962   1.00 104.47 ? 4   G   B OP1    1 
ATOM   236 O  OP2    . G   B 1 4 ? 11.353  0.241   3.067   1.00 118.32 ? 4   G   B OP2    1 
ATOM   237 O  "O5'"  . G   B 1 4 ? 11.419  -1.856  1.905   1.00 116.89 ? 4   G   B "O5'"  1 
ATOM   238 C  "C5'"  . G   B 1 4 ? 11.993  -1.342  0.710   1.00 112.10 ? 4   G   B "C5'"  1 
ATOM   239 C  "C4'"  . G   B 1 4 ? 12.116  -2.452  -0.288  1.00 94.85  ? 4   G   B "C4'"  1 
ATOM   240 O  "O4'"  . G   B 1 4 ? 13.129  -3.376  0.155   1.00 91.11  ? 4   G   B "O4'"  1 
ATOM   241 C  "C3'"  . G   B 1 4 ? 10.845  -3.253  -0.402  1.00 92.35  ? 4   G   B "C3'"  1 
ATOM   242 O  "O3'"  . G   B 1 4 ? 10.138  -2.790  -1.518  1.00 97.34  ? 4   G   B "O3'"  1 
ATOM   243 C  "C2'"  . G   B 1 4 ? 11.301  -4.696  -0.544  1.00 86.17  ? 4   G   B "C2'"  1 
ATOM   244 O  "O2'"  . G   B 1 4 ? 11.509  -4.983  -1.907  1.00 94.69  ? 4   G   B "O2'"  1 
ATOM   245 C  "C1'"  . G   B 1 4 ? 12.656  -4.688  0.146   1.00 83.72  ? 4   G   B "C1'"  1 
ATOM   246 N  N9     . G   B 1 4 ? 12.679  -5.171  1.549   1.00 88.77  ? 4   G   B N9     1 
ATOM   247 C  C8     . G   B 1 4 ? 13.005  -4.379  2.625   1.00 89.16  ? 4   G   B C8     1 
ATOM   248 N  N7     . G   B 1 4 ? 13.024  -4.988  3.773   1.00 90.61  ? 4   G   B N7     1 
ATOM   249 C  C5     . G   B 1 4 ? 12.730  -6.296  3.457   1.00 85.56  ? 4   G   B C5     1 
ATOM   250 C  C6     . G   B 1 4 ? 12.621  -7.433  4.304   1.00 85.32  ? 4   G   B C6     1 
ATOM   251 O  O6     . G   B 1 4 ? 12.720  -7.566  5.520   1.00 91.80  ? 4   G   B O6     1 
ATOM   252 N  N1     . G   B 1 4 ? 12.309  -8.556  3.589   1.00 90.31  ? 4   G   B N1     1 
ATOM   253 C  C2     . G   B 1 4 ? 12.122  -8.580  2.240   1.00 89.19  ? 4   G   B C2     1 
ATOM   254 N  N2     . G   B 1 4 ? 11.815  -9.791  1.786   1.00 91.55  ? 4   G   B N2     1 
ATOM   255 N  N3     . G   B 1 4 ? 12.213  -7.545  1.419   1.00 85.32  ? 4   G   B N3     1 
ATOM   256 C  C4     . G   B 1 4 ? 12.531  -6.430  2.089   1.00 86.64  ? 4   G   B C4     1 
HETATM 257 P  P      . CSL B 1 5 ? 8.603   -2.957  -1.608  1.00 106.18 ? 5   CSL B P      1 
HETATM 258 O  O2P    . CSL B 1 5 ? 8.062   -2.072  -2.682  1.00 107.97 ? 5   CSL B O2P    1 
HETATM 259 O  O1P    . CSL B 1 5 ? 8.067   -2.755  -0.241  1.00 106.08 ? 5   CSL B O1P    1 
HETATM 260 O  "O5'"  . CSL B 1 5 ? 8.459   -4.402  -2.239  1.00 103.46 ? 5   CSL B "O5'"  1 
HETATM 261 C  "C5'"  . CSL B 1 5 ? 8.005   -5.168  -1.144  1.00 93.41  ? 5   CSL B "C5'"  1 
HETATM 262 C  "C4'"  . CSL B 1 5 ? 7.809   -6.569  -1.621  1.00 81.27  ? 5   CSL B "C4'"  1 
HETATM 263 O  "O4'"  . CSL B 1 5 ? 8.480   -7.427  -0.687  1.00 81.09  ? 5   CSL B "O4'"  1 
HETATM 264 C  "C1'"  . CSL B 1 5 ? 7.590   -7.716  0.367   1.00 71.81  ? 5   CSL B "C1'"  1 
HETATM 265 N  N1     . CSL B 1 5 ? 8.260   -7.385  1.629   1.00 84.20  ? 5   CSL B N1     1 
HETATM 266 C  C2     . CSL B 1 5 ? 8.533   -8.435  2.495   1.00 88.47  ? 5   CSL B C2     1 
HETATM 267 O  O2     . CSL B 1 5 ? 8.169   -9.557  2.179   1.00 88.85  ? 5   CSL B O2     1 
HETATM 268 N  N3     . CSL B 1 5 ? 9.160   -8.175  3.673   1.00 86.32  ? 5   CSL B N3     1 
HETATM 269 C  C4     . CSL B 1 5 ? 9.488   -6.922  4.004   1.00 81.76  ? 5   CSL B C4     1 
HETATM 270 N  N4     . CSL B 1 5 ? 9.977   -6.705  5.222   1.00 84.35  ? 5   CSL B N4     1 
HETATM 271 C  C5     . CSL B 1 5 ? 9.245   -5.835  3.116   1.00 81.72  ? 5   CSL B C5     1 
HETATM 272 C  C6     . CSL B 1 5 ? 8.633   -6.109  1.954   1.00 85.78  ? 5   CSL B C6     1 
HETATM 273 C  "C2'"  . CSL B 1 5 ? 6.420   -6.827  -0.011  1.00 77.51  ? 5   CSL B "C2'"  1 
HETATM 274 SE "SE2'" . CSL B 1 5 ? 4.815   -7.521  0.881   1.00 85.27  ? 5   CSL B "SE2'" 1 
HETATM 275 C  "CA'"  . CSL B 1 5 ? 5.200   -7.135  2.717   1.00 80.20  ? 5   CSL B "CA'"  1 
HETATM 276 C  "C3'"  . CSL B 1 5 ? 6.359   -6.981  -1.532  1.00 79.19  ? 5   CSL B "C3'"  1 
HETATM 277 O  "O3'"  . CSL B 1 5 ? 6.184   -8.327  -1.950  1.00 90.08  ? 5   CSL B "O3'"  1 
ATOM   278 P  P      . A   B 1 6 ? 5.362   -8.647  -3.275  1.00 92.08  ? 6   A   B P      1 
ATOM   279 O  OP1    . A   B 1 6 ? 5.505   -10.087 -3.533  1.00 111.22 ? 6   A   B OP1    1 
ATOM   280 O  OP2    . A   B 1 6 ? 5.680   -7.611  -4.291  1.00 82.64  ? 6   A   B OP2    1 
ATOM   281 O  "O5'"  . A   B 1 6 ? 3.842   -8.514  -2.842  1.00 82.27  ? 6   A   B "O5'"  1 
ATOM   282 C  "C5'"  . A   B 1 6 ? 3.236   -9.500  -2.043  1.00 63.43  ? 6   A   B "C5'"  1 
ATOM   283 C  "C4'"  . A   B 1 6 ? 1.735   -9.422  -2.152  1.00 86.05  ? 6   A   B "C4'"  1 
ATOM   284 O  "O4'"  . A   B 1 6 ? 1.276   -8.201  -1.536  1.00 82.82  ? 6   A   B "O4'"  1 
ATOM   285 C  "C3'"  . A   B 1 6 ? 1.159   -9.369  -3.557  1.00 89.58  ? 6   A   B "C3'"  1 
ATOM   286 O  "O3'"  . A   B 1 6 ? 1.018   -10.643 -4.134  1.00 95.36  ? 6   A   B "O3'"  1 
ATOM   287 C  "C2'"  . A   B 1 6 ? -0.171  -8.650  -3.361  1.00 93.02  ? 6   A   B "C2'"  1 
ATOM   288 O  "O2'"  . A   B 1 6 ? -1.186  -9.533  -2.922  1.00 85.12  ? 6   A   B "O2'"  1 
ATOM   289 C  "C1'"  . A   B 1 6 ? 0.172   -7.683  -2.239  1.00 87.57  ? 6   A   B "C1'"  1 
ATOM   290 N  N9     . A   B 1 6 ? 0.586   -6.384  -2.767  1.00 84.68  ? 6   A   B N9     1 
ATOM   291 C  C8     . A   B 1 6 ? 1.864   -5.894  -2.888  1.00 74.39  ? 6   A   B C8     1 
ATOM   292 N  N7     . A   B 1 6 ? 1.896   -4.685  -3.401  1.00 72.44  ? 6   A   B N7     1 
ATOM   293 C  C5     . A   B 1 6 ? 0.573   -4.374  -3.636  1.00 74.95  ? 6   A   B C5     1 
ATOM   294 C  C6     . A   B 1 6 ? -0.055  -3.230  -4.144  1.00 83.99  ? 6   A   B C6     1 
ATOM   295 N  N6     . A   B 1 6 ? 0.592   -2.140  -4.534  1.00 85.02  ? 6   A   B N6     1 
ATOM   296 N  N1     . A   B 1 6 ? -1.404  -3.237  -4.232  1.00 86.79  ? 6   A   B N1     1 
ATOM   297 C  C2     . A   B 1 6 ? -2.053  -4.338  -3.799  1.00 86.23  ? 6   A   B C2     1 
ATOM   298 N  N3     . A   B 1 6 ? -1.590  -5.482  -3.282  1.00 81.89  ? 6   A   B N3     1 
ATOM   299 C  C4     . A   B 1 6 ? -0.249  -5.416  -3.238  1.00 82.06  ? 6   A   B C4     1 
ATOM   300 P  P      . G   B 1 7 ? 1.329   -10.848 -5.686  1.00 100.58 ? 7   G   B P      1 
ATOM   301 O  OP1    . G   B 1 7 ? 1.152   -12.291 -5.914  1.00 101.09 ? 7   G   B OP1    1 
ATOM   302 O  OP2    . G   B 1 7 ? 2.629   -10.211 -6.065  1.00 98.75  ? 7   G   B OP2    1 
ATOM   303 O  "O5'"  . G   B 1 7 ? 0.107   -10.110 -6.381  1.00 82.82  ? 7   G   B "O5'"  1 
ATOM   304 C  "C5'"  . G   B 1 7 ? -1.214  -10.588 -6.177  1.00 83.64  ? 7   G   B "C5'"  1 
ATOM   305 C  "C4'"  . G   B 1 7 ? -2.262  -9.675  -6.768  1.00 85.74  ? 7   G   B "C4'"  1 
ATOM   306 O  "O4'"  . G   B 1 7 ? -2.351  -8.466  -5.979  1.00 95.75  ? 7   G   B "O4'"  1 
ATOM   307 C  "C3'"  . G   B 1 7 ? -2.016  -9.178  -8.182  1.00 92.07  ? 7   G   B "C3'"  1 
ATOM   308 O  "O3'"  . G   B 1 7 ? -2.409  -10.108 -9.170  1.00 96.77  ? 7   G   B "O3'"  1 
ATOM   309 C  "C2'"  . G   B 1 7 ? -2.820  -7.889  -8.216  1.00 98.28  ? 7   G   B "C2'"  1 
ATOM   310 O  "O2'"  . G   B 1 7 ? -4.204  -8.166  -8.320  1.00 108.82 ? 7   G   B "O2'"  1 
ATOM   311 C  "C1'"  . G   B 1 7 ? -2.550  -7.352  -6.822  1.00 96.23  ? 7   G   B "C1'"  1 
ATOM   312 N  N9     . G   B 1 7 ? -1.314  -6.547  -6.822  1.00 92.72  ? 7   G   B N9     1 
ATOM   313 C  C8     . G   B 1 7 ? -0.038  -6.963  -6.503  1.00 85.28  ? 7   G   B C8     1 
ATOM   314 N  N7     . G   B 1 7 ? 0.846   -6.011  -6.639  1.00 87.83  ? 7   G   B N7     1 
ATOM   315 C  C5     . G   B 1 7 ? 0.125   -4.903  -7.079  1.00 84.10  ? 7   G   B C5     1 
ATOM   316 C  C6     . G   B 1 7 ? 0.553   -3.576  -7.395  1.00 80.26  ? 7   G   B C6     1 
ATOM   317 O  O6     . G   B 1 7 ? 1.691   -3.090  -7.347  1.00 88.02  ? 7   G   B O6     1 
ATOM   318 N  N1     . G   B 1 7 ? -0.525  -2.792  -7.792  1.00 72.36  ? 7   G   B N1     1 
ATOM   319 C  C2     . G   B 1 7 ? -1.837  -3.241  -7.876  1.00 78.57  ? 7   G   B C2     1 
ATOM   320 N  N2     . G   B 1 7 ? -2.769  -2.372  -8.279  1.00 85.03  ? 7   G   B N2     1 
ATOM   321 N  N3     . G   B 1 7 ? -2.242  -4.461  -7.582  1.00 75.49  ? 7   G   B N3     1 
ATOM   322 C  C4     . G   B 1 7 ? -1.213  -5.230  -7.195  1.00 79.81  ? 7   G   B C4     1 
ATOM   323 P  P      . C   B 1 8 ? -1.699  -10.121 -10.609 1.00 106.00 ? 8   C   B P      1 
ATOM   324 O  OP1    . C   B 1 8 ? -2.477  -11.102 -11.391 1.00 120.99 ? 8   C   B OP1    1 
ATOM   325 O  OP2    . C   B 1 8 ? -0.221  -10.252 -10.539 1.00 101.23 ? 8   C   B OP2    1 
ATOM   326 O  "O5'"  . C   B 1 8 ? -2.037  -8.703  -11.208 1.00 97.02  ? 8   C   B "O5'"  1 
ATOM   327 C  "C5'"  . C   B 1 8 ? -3.348  -8.428  -11.630 1.00 91.10  ? 8   C   B "C5'"  1 
ATOM   328 C  "C4'"  . C   B 1 8 ? -3.481  -7.010  -12.091 1.00 90.76  ? 8   C   B "C4'"  1 
ATOM   329 O  "O4'"  . C   B 1 8 ? -3.042  -6.123  -11.048 1.00 97.98  ? 8   C   B "O4'"  1 
ATOM   330 C  "C3'"  . C   B 1 8 ? -2.649  -6.580  -13.282 1.00 91.21  ? 8   C   B "C3'"  1 
ATOM   331 O  "O3'"  . C   B 1 8 ? -3.167  -7.012  -14.513 1.00 101.74 ? 8   C   B "O3'"  1 
ATOM   332 C  "C2'"  . C   B 1 8 ? -2.673  -5.071  -13.146 1.00 99.24  ? 8   C   B "C2'"  1 
ATOM   333 O  "O2'"  . C   B 1 8 ? -3.907  -4.544  -13.600 1.00 95.56  ? 8   C   B "O2'"  1 
ATOM   334 C  "C1'"  . C   B 1 8 ? -2.601  -4.910  -11.623 1.00 101.00 ? 8   C   B "C1'"  1 
ATOM   335 N  N1     . C   B 1 8 ? -1.215  -4.607  -11.197 1.00 92.07  ? 8   C   B N1     1 
ATOM   336 C  C2     . C   B 1 8 ? -0.830  -3.266  -11.340 1.00 89.11  ? 8   C   B C2     1 
ATOM   337 O  O2     . C   B 1 8 ? -1.663  -2.433  -11.746 1.00 92.53  ? 8   C   B O2     1 
ATOM   338 N  N3     . C   B 1 8 ? 0.434   -2.905  -11.016 1.00 87.16  ? 8   C   B N3     1 
ATOM   339 C  C4     . C   B 1 8 ? 1.295   -3.824  -10.571 1.00 88.12  ? 8   C   B C4     1 
ATOM   340 N  N4     . C   B 1 8 ? 2.519   -3.389  -10.259 1.00 87.61  ? 8   C   B N4     1 
ATOM   341 C  C5     . C   B 1 8 ? 0.934   -5.208  -10.420 1.00 80.23  ? 8   C   B C5     1 
ATOM   342 C  C6     . C   B 1 8 ? -0.320  -5.552  -10.749 1.00 82.93  ? 8   C   B C6     1 
HETATM 343 C  C8     . J48 C 2 . ? -2.580  -0.831  2.027   1.00 81.27  ? 101 J48 A C8     1 
HETATM 344 C  C9     . J48 C 2 . ? -3.913  -1.210  1.788   1.00 78.18  ? 101 J48 A C9     1 
HETATM 345 C  C10    . J48 C 2 . ? -4.780  -0.260  1.334   1.00 75.84  ? 101 J48 A C10    1 
HETATM 346 C  C11    . J48 C 2 . ? 3.113   5.813   2.349   1.00 58.15  ? 101 J48 A C11    1 
HETATM 347 C  C12    . J48 C 2 . ? 3.099   4.635   3.121   1.00 70.46  ? 101 J48 A C12    1 
HETATM 348 C  C13    . J48 C 2 . ? 1.847   4.006   3.322   1.00 69.08  ? 101 J48 A C13    1 
HETATM 349 N  N1     . J48 C 2 . ? -2.456  2.602   1.286   1.00 71.48  ? 101 J48 A N1     1 
HETATM 350 C  C6     . J48 C 2 . ? -3.255  3.574   0.845   1.00 67.91  ? 101 J48 A C6     1 
HETATM 351 C  C3     . J48 C 2 . ? -4.339  1.071   1.137   1.00 74.95  ? 101 J48 A C3     1 
HETATM 352 C  C5     . J48 C 2 . ? -4.600  3.380   0.546   1.00 63.84  ? 101 J48 A C5     1 
HETATM 353 C  C4     . J48 C 2 . ? -5.138  2.140   0.682   1.00 72.83  ? 101 J48 A C4     1 
HETATM 354 C  C2     . J48 C 2 . ? -2.989  1.355   1.430   1.00 72.03  ? 101 J48 A C2     1 
HETATM 355 C  C15    . J48 C 2 . ? 0.776   5.571   1.983   1.00 65.00  ? 101 J48 A C15    1 
HETATM 356 C  C16    . J48 C 2 . ? 1.964   6.272   1.781   1.00 54.12  ? 101 J48 A C16    1 
HETATM 357 C  C17    . J48 C 2 . ? 4.245   3.992   3.645   1.00 74.95  ? 101 J48 A C17    1 
HETATM 358 C  C18    . J48 C 2 . ? 4.122   2.818   4.320   1.00 73.56  ? 101 J48 A C18    1 
HETATM 359 C  C19    . J48 C 2 . ? 2.830   2.291   4.493   1.00 76.69  ? 101 J48 A C19    1 
HETATM 360 C  C22    . J48 C 2 . ? -1.575  -2.986  2.864   1.00 80.56  ? 101 J48 A C22    1 
HETATM 361 C  C26    . J48 C 2 . ? 3.576   0.330   5.682   1.00 77.87  ? 101 J48 A C26    1 
HETATM 362 C  C29    . J48 C 2 . ? -0.192  -4.738  3.622   1.00 77.29  ? 101 J48 A C29    1 
HETATM 363 C  C30    . J48 C 2 . ? 1.254   -5.004  3.979   1.00 77.60  ? 101 J48 A C30    1 
HETATM 364 C  C31    . J48 C 2 . ? 3.970   -1.767  6.710   1.00 81.09  ? 101 J48 A C31    1 
HETATM 365 C  C32    . J48 C 2 . ? 1.669   -4.358  5.276   1.00 91.27  ? 101 J48 A C32    1 
HETATM 366 C  C33    . J48 C 2 . ? 2.796   -3.692  5.528   1.00 93.72  ? 101 J48 A C33    1 
HETATM 367 C  C34    . J48 C 2 . ? -2.590  4.919   0.664   1.00 70.29  ? 101 J48 A C34    1 
HETATM 368 C  C36    . J48 C 2 . ? -0.504  6.000   1.304   1.00 62.55  ? 101 J48 A C36    1 
HETATM 369 C  C37    . J48 C 2 . ? 3.181   -3.054  6.849   1.00 87.42  ? 101 J48 A C37    1 
HETATM 370 N  N14    . J48 C 2 . ? 0.691   4.476   2.750   1.00 70.80  ? 101 J48 A N14    1 
HETATM 371 N  N20    . J48 C 2 . ? 1.724   2.854   4.033   1.00 74.88  ? 101 J48 A N20    1 
HETATM 372 N  N21    . J48 C 2 . ? -1.550  -1.716  2.387   1.00 81.75  ? 101 J48 A N21    1 
HETATM 373 N  N25    . J48 C 2 . ? 2.593   1.072   5.131   1.00 77.44  ? 101 J48 A N25    1 
HETATM 374 N  N35    . J48 C 2 . ? -1.631  5.178   1.735   1.00 72.07  ? 101 J48 A N35    1 
HETATM 375 N  N7     . J48 C 2 . ? -2.124  0.401   1.872   1.00 80.05  ? 101 J48 A N7     1 
HETATM 376 O  O23    . J48 C 2 . ? -0.318  -3.411  3.053   1.00 79.56  ? 101 J48 A O23    1 
HETATM 377 O  O24    . J48 C 2 . ? -2.557  -3.649  3.108   1.00 84.31  ? 101 J48 A O24    1 
HETATM 378 O  O27    . J48 C 2 . ? 3.035   -0.787  6.196   1.00 76.03  ? 101 J48 A O27    1 
HETATM 379 O  O28    . J48 C 2 . ? 4.753   0.616   5.724   1.00 77.38  ? 101 J48 A O28    1 
HETATM 380 C  C8     . J48 D 2 . ? -2.154  0.494   -5.260  1.00 83.12  ? 101 J48 B C8     1 
HETATM 381 C  C9     . J48 D 2 . ? -2.828  1.658   -5.660  1.00 77.32  ? 101 J48 B C9     1 
HETATM 382 C  C10    . J48 D 2 . ? -2.146  2.832   -5.624  1.00 69.21  ? 101 J48 B C10    1 
HETATM 383 C  C11    . J48 D 2 . ? 4.495   -2.437  -0.460  1.00 73.03  ? 101 J48 B C11    1 
HETATM 384 C  C12    . J48 D 2 . ? 3.118   -2.764  -0.472  1.00 75.34  ? 101 J48 B C12    1 
HETATM 385 C  C13    . J48 D 2 . ? 2.238   -1.836  -1.065  1.00 72.63  ? 101 J48 B C13    1 
HETATM 386 N  N1     . J48 D 2 . ? 1.074   1.547   -4.347  1.00 63.66  ? 101 J48 B N1     1 
HETATM 387 C  C6     . J48 D 2 . ? 1.778   2.677   -4.255  1.00 63.76  ? 101 J48 B C6     1 
HETATM 388 C  C3     . J48 D 2 . ? -0.796  2.858   -5.194  1.00 69.36  ? 101 J48 B C3     1 
HETATM 389 C  C5     . J48 D 2 . ? 1.287   3.915   -4.646  1.00 65.83  ? 101 J48 B C5     1 
HETATM 390 C  C4     . J48 D 2 . ? 0.014   4.010   -5.112  1.00 70.97  ? 101 J48 B C4     1 
HETATM 391 C  C2     . J48 D 2 . ? -0.212  1.634   -4.812  1.00 69.02  ? 101 J48 B C2     1 
HETATM 392 C  C15    . J48 D 2 . ? 3.995   -0.427  -1.631  1.00 73.37  ? 101 J48 B C15    1 
HETATM 393 C  C16    . J48 D 2 . ? 4.927   -1.280  -1.038  1.00 72.92  ? 101 J48 B C16    1 
HETATM 394 C  C17    . J48 D 2 . ? 2.549   -3.952  0.049   1.00 86.45  ? 101 J48 B C17    1 
HETATM 395 C  C18    . J48 D 2 . ? 1.204   -4.162  -0.016  1.00 71.48  ? 101 J48 B C18    1 
HETATM 396 C  C19    . J48 D 2 . ? 0.414   -3.165  -0.593  1.00 71.80  ? 101 J48 B C19    1 
HETATM 397 C  C22    . J48 D 2 . ? -4.045  -1.060  -5.502  1.00 84.46  ? 101 J48 B C22    1 
HETATM 398 C  C26    . J48 D 2 . ? -1.783  -4.273  -0.321  1.00 81.03  ? 101 J48 B C26    1 
HETATM 399 C  C29    . J48 D 2 . ? -5.619  -2.862  -5.519  1.00 85.91  ? 101 J48 B C29    1 
HETATM 400 C  C30    . J48 D 2 . ? -6.362  -3.109  -4.217  1.00 97.08  ? 101 J48 B C30    1 
HETATM 401 C  C31    . J48 D 2 . ? -4.082  -4.826  -0.050  1.00 69.66  ? 101 J48 B C31    1 
HETATM 402 C  C32    . J48 D 2 . ? -5.752  -4.187  -3.315  1.00 99.46  ? 101 J48 B C32    1 
HETATM 403 C  C33    . J48 D 2 . ? -5.673  -4.192  -1.960  1.00 82.77  ? 101 J48 B C33    1 
HETATM 404 C  C34    . J48 D 2 . ? 3.145   2.534   -3.626  1.00 59.91  ? 101 J48 B C34    1 
HETATM 405 C  C36    . J48 D 2 . ? 4.405   0.838   -2.346  1.00 69.37  ? 101 J48 B C36    1 
HETATM 406 C  C37    . J48 D 2 . ? -5.053  -5.293  -1.115  1.00 70.86  ? 101 J48 B C37    1 
HETATM 407 N  N14    . J48 D 2 . ? 2.679   -0.677  -1.647  1.00 69.29  ? 101 J48 B N14    1 
HETATM 408 N  N20    . J48 D 2 . ? 0.888   -2.039  -1.106  1.00 77.27  ? 101 J48 B N20    1 
HETATM 409 N  N21    . J48 D 2 . ? -2.761  -0.767  -5.198  1.00 82.12  ? 101 J48 B N21    1 
HETATM 410 N  N25    . J48 D 2 . ? -0.981  -3.241  -0.674  1.00 78.08  ? 101 J48 B N25    1 
HETATM 411 N  N35    . J48 D 2 . ? 3.430   1.119   -3.401  1.00 67.59  ? 101 J48 B N35    1 
HETATM 412 N  N7     . J48 D 2 . ? -0.894  0.462   -4.855  1.00 76.67  ? 101 J48 B N7     1 
HETATM 413 O  O23    . J48 D 2 . ? -4.259  -2.385  -5.304  1.00 90.60  ? 101 J48 B O23    1 
HETATM 414 O  O24    . J48 D 2 . ? -4.874  -0.274  -5.896  1.00 82.70  ? 101 J48 B O24    1 
HETATM 415 O  O27    . J48 D 2 . ? -3.064  -3.918  -0.557  1.00 80.79  ? 101 J48 B O27    1 
HETATM 416 O  O28    . J48 D 2 . ? -1.427  -5.340  0.134   1.00 80.37  ? 101 J48 B O28    1 
HETATM 417 O  O      . HOH E 3 . ? -5.639  5.148   7.121   1.00 76.82  ? 201 HOH A O      1 
HETATM 418 O  O      . HOH E 3 . ? -11.721 -5.546  0.940   1.00 79.40  ? 202 HOH A O      1 
HETATM 419 O  O      . HOH F 3 . ? 13.060  -4.791  6.971   1.00 85.76  ? 201 HOH B O      1 
HETATM 420 O  O      . HOH F 3 . ? 4.912   -2.876  -7.082  1.00 77.07  ? 202 HOH B O      1 
HETATM 421 O  O      . HOH F 3 . ? 0.938   -8.762  2.100   1.00 78.85  ? 203 HOH B O      1 
HETATM 422 O  O      . HOH F 3 . ? 6.402   -5.594  6.425   1.00 84.79  ? 204 HOH B O      1 
# 
loop_
_atom_site_anisotrop.id 
_atom_site_anisotrop.type_symbol 
_atom_site_anisotrop.pdbx_label_atom_id 
_atom_site_anisotrop.pdbx_label_alt_id 
_atom_site_anisotrop.pdbx_label_comp_id 
_atom_site_anisotrop.pdbx_label_asym_id 
_atom_site_anisotrop.pdbx_label_seq_id 
_atom_site_anisotrop.pdbx_PDB_ins_code 
_atom_site_anisotrop.U[1][1] 
_atom_site_anisotrop.U[2][2] 
_atom_site_anisotrop.U[3][3] 
_atom_site_anisotrop.U[1][2] 
_atom_site_anisotrop.U[1][3] 
_atom_site_anisotrop.U[2][3] 
_atom_site_anisotrop.pdbx_auth_seq_id 
_atom_site_anisotrop.pdbx_auth_comp_id 
_atom_site_anisotrop.pdbx_auth_asym_id 
_atom_site_anisotrop.pdbx_auth_atom_id 
1   O  "O5'"  . G   A 1 ? 1.1109 1.2357 0.9242 -0.0172 0.0448  -0.0482 1 G   A "O5'"  
2   C  "C5'"  . G   A 1 ? 1.1538 1.2528 0.9294 0.0033  0.0570  -0.0307 1 G   A "C5'"  
3   C  "C4'"  . G   A 1 ? 1.1970 1.3436 0.9881 0.0255  0.0531  -0.0179 1 G   A "C4'"  
4   O  "O4'"  . G   A 1 ? 1.1053 1.3080 0.9374 0.0097  0.0419  -0.0274 1 G   A "O4'"  
5   C  "C3'"  . G   A 1 ? 1.1172 1.2799 0.9198 0.0445  0.0495  -0.0136 1 G   A "C3'"  
6   O  "O3'"  . G   A 1 ? 1.4389 1.5616 1.2048 0.0691  0.0613  0.0005  1 G   A "O3'"  
7   C  "C2'"  . G   A 1 ? 1.0758 1.3042 0.9120 0.0516  0.0404  -0.0094 1 G   A "C2'"  
8   O  "O2'"  . G   A 1 ? 1.1027 1.3320 0.9183 0.0718  0.0466  0.0078  1 G   A "O2'"  
9   C  "C1'"  . G   A 1 ? 1.0471 1.2981 0.9073 0.0235  0.0333  -0.0235 1 G   A "C1'"  
10  N  N9     . G   A 1 ? 1.0180 1.2940 0.9157 0.0042  0.0215  -0.0409 1 G   A N9     
11  C  C8     . G   A 1 ? 1.0000 1.2534 0.9041 -0.0192 0.0184  -0.0571 1 G   A C8     
12  N  N7     . G   A 1 ? 0.9578 1.2434 0.8992 -0.0314 0.0057  -0.0695 1 G   A N7     
13  C  C5     . G   A 1 ? 0.9314 1.2637 0.8910 -0.0165 0.0011  -0.0615 1 G   A C5     
14  C  C6     . G   A 1 ? 0.8860 1.2655 0.8836 -0.0203 -0.0114 -0.0680 1 G   A C6     
15  O  O6     . G   A 1 ? 0.8762 1.2668 0.9008 -0.0368 -0.0221 -0.0820 1 G   A O6     
16  N  N1     . G   A 1 ? 0.8751 1.2916 0.8783 -0.0025 -0.0113 -0.0560 1 G   A N1     
17  C  C2     . G   A 1 ? 0.9036 1.3146 0.8811 0.0181  -0.0018 -0.0393 1 G   A C2     
18  N  N2     . G   A 1 ? 0.8877 1.3417 0.8777 0.0338  -0.0045 -0.0294 1 G   A N2     
19  N  N3     . G   A 1 ? 0.9469 1.3128 0.8887 0.0234  0.0092  -0.0324 1 G   A N3     
20  C  C4     . G   A 1 ? 0.9582 1.2864 0.8924 0.0050  0.0104  -0.0442 1 G   A C4     
21  P  P      . C   A 2 ? 1.1699 1.2792 0.9312 0.0851  0.0640  0.0021  2 C   A P      
22  O  OP1    . C   A 2 ? 1.3359 1.3816 1.0507 0.1000  0.0791  0.0106  2 C   A OP1    
23  O  OP2    . C   A 2 ? 1.1308 1.2593 0.9212 0.0660  0.0530  -0.0136 2 C   A OP2    
24  O  "O5'"  . C   A 2 ? 1.1781 1.3395 0.9599 0.1100  0.0611  0.0145  2 C   A "O5'"  
25  C  "C5'"  . C   A 2 ? 1.0976 1.3109 0.9194 0.1028  0.0493  0.0066  2 C   A "C5'"  
26  C  "C4'"  . C   A 2 ? 1.0732 1.3439 0.9186 0.1197  0.0447  0.0167  2 C   A "C4'"  
27  O  "O4'"  . C   A 2 ? 1.0298 1.3447 0.9073 0.0986  0.0326  0.0075  2 C   A "O4'"  
28  C  "C3'"  . C   A 2 ? 1.1617 1.4588 1.0259 0.1309  0.0429  0.0164  2 C   A "C3'"  
29  O  "O3'"  . C   A 2 ? 1.1518 1.4365 0.9974 0.1609  0.0540  0.0304  2 C   A "O3'"  
30  C  "C2'"  . C   A 2 ? 0.9996 1.3646 0.9064 0.1221  0.0295  0.0121  2 C   A "C2'"  
31  O  "O2'"  . C   A 2 ? 0.9986 1.4025 0.9131 0.1438  0.0300  0.0263  2 C   A "O2'"  
32  C  "C1'"  . C   A 2 ? 0.9860 1.3502 0.8991 0.0965  0.0229  0.0023  2 C   A "C1'"  
33  N  N1     . C   A 2 ? 0.9634 1.3184 0.8910 0.0701  0.0153  -0.0155 2 C   A N1     
34  C  C2     . C   A 2 ? 0.9194 1.3157 0.8821 0.0594  0.0036  -0.0248 2 C   A C2     
35  O  O2     . C   A 2 ? 1.0229 1.4637 1.0037 0.0715  0.0010  -0.0183 2 C   A O2     
36  N  N3     . C   A 2 ? 0.9020 1.2878 0.8777 0.0362  -0.0047 -0.0404 2 C   A N3     
37  C  C4     . C   A 2 ? 0.9248 1.2645 0.8822 0.0229  -0.0021 -0.0475 2 C   A C4     
38  N  N4     . C   A 2 ? 0.9069 1.2407 0.8806 0.0013  -0.0122 -0.0627 2 C   A N4     
39  C  C5     . C   A 2 ? 0.9691 1.2667 0.8903 0.0318  0.0106  -0.0390 2 C   A C5     
40  C  C6     . C   A 2 ? 0.9867 1.2929 0.8940 0.0548  0.0187  -0.0233 2 C   A C6     
41  P  P      . A   A 3 ? 1.2097 1.4512 1.0343 0.1687  0.0645  0.0277  3 A   A P      
42  O  OP1    . A   A 3 ? 1.1599 1.4023 0.9741 0.2021  0.0756  0.0423  3 A   A OP1    
43  O  OP2    . A   A 3 ? 1.1887 1.3695 0.9843 0.1502  0.0682  0.0188  3 A   A OP2    
44  O  "O5'"  . A   A 3 ? 1.0995 1.3827 0.9582 0.1556  0.0544  0.0168  3 A   A "O5'"  
45  C  "C5'"  . A   A 3 ? 1.0328 1.3800 0.9246 0.1657  0.0486  0.0216  3 A   A "C5'"  
46  C  "C4'"  . A   A 3 ? 1.0759 1.4340 0.9761 0.1722  0.0521  0.0188  3 A   A "C4'"  
47  O  "O4'"  . A   A 3 ? 1.0047 1.3542 0.9122 0.1458  0.0436  0.0037  3 A   A "O4'"  
48  C  "C3'"  . A   A 3 ? 1.0739 1.3868 0.9426 0.1933  0.0690  0.0247  3 A   A "C3'"  
49  O  "O3'"  . A   A 3 ? 1.1642 1.5131 1.0516 0.2050  0.0722  0.0258  3 A   A "O3'"  
50  C  "C2'"  . A   A 3 ? 1.1257 1.3856 0.9720 0.1721  0.0695  0.0122  3 A   A "C2'"  
51  O  "O2'"  . A   A 3 ? 1.2398 1.4640 1.0622 0.1835  0.0831  0.0122  3 A   A "O2'"  
52  C  "C1'"  . A   A 3 ? 1.0537 1.3532 0.9328 0.1478  0.0534  0.0005  3 A   A "C1'"  
53  N  N9     . A   A 3 ? 1.0353 1.3014 0.9066 0.1202  0.0450  -0.0126 3 A   A N9     
54  C  C8     . A   A 3 ? 1.0739 1.2843 0.9159 0.1108  0.0484  -0.0162 3 A   A C8     
55  N  N7     . A   A 3 ? 1.0707 1.2705 0.9194 0.0844  0.0364  -0.0293 3 A   A N7     
56  C  C5     . A   A 3 ? 1.0076 1.2566 0.8905 0.0768  0.0245  -0.0341 3 A   A C5     
57  C  C6     . A   A 3 ? 0.9783 1.2414 0.8833 0.0530  0.0083  -0.0464 3 A   A C6     
58  N  N6     . A   A 3 ? 0.9810 1.2117 0.8795 0.0319  0.0000  -0.0571 3 A   A N6     
59  N  N1     . A   A 3 ? 0.9878 1.3000 0.9226 0.0515  0.0002  -0.0476 3 A   A N1     
60  C  C2     . A   A 3 ? 0.9439 1.2918 0.8873 0.0722  0.0082  -0.0373 3 A   A C2     
61  N  N3     . A   A 3 ? 0.9604 1.3031 0.8880 0.0964  0.0226  -0.0252 3 A   A N3     
62  C  C4     . A   A 3 ? 1.0237 1.3138 0.9201 0.0979  0.0302  -0.0240 3 A   A C4     
63  P  P      . G   A 4 ? 1.2861 1.6653 1.1813 0.2390  0.0816  0.0405  4 G   A P      
64  O  OP1    . G   A 4 ? 1.0259 1.4789 0.9637 0.2339  0.0702  0.0392  4 G   A OP1    
65  O  OP2    . G   A 4 ? 1.2700 1.6230 1.1434 0.2554  0.0861  0.0525  4 G   A OP2    
66  O  "O5'"  . G   A 4 ? 1.1788 1.5167 1.0496 0.2519  0.0989  0.0389  4 G   A "O5'"  
67  C  "C5'"  . G   A 4 ? 1.1391 1.4916 1.0133 0.2822  0.1124  0.0477  4 G   A "C5'"  
68  C  "C4'"  . G   A 4 ? 1.1446 1.4792 1.0101 0.2796  0.1237  0.0391  4 G   A "C4'"  
69  O  "O4'"  . G   A 4 ? 1.1862 1.5778 1.0822 0.2966  0.1281  0.0427  4 G   A "O4'"  
70  C  "C3'"  . G   A 4 ? 1.1181 1.4458 0.9850 0.2455  0.1131  0.0243  4 G   A "C3'"  
71  O  "O3'"  . G   A 4 ? 1.1694 1.4271 0.9977 0.2327  0.1174  0.0177  4 G   A "O3'"  
72  C  "C2'"  . G   A 4 ? 1.1073 1.4653 0.9898 0.2474  0.1193  0.0198  4 G   A "C2'"  
73  O  "O2'"  . G   A 4 ? 1.4632 1.7682 1.3123 0.2533  0.1366  0.0162  4 G   A "O2'"  
74  C  "C1'"  . G   A 4 ? 1.2263 1.6392 1.1365 0.2762  0.1246  0.0315  4 G   A "C1'"  
75  N  N9     . G   A 4 ? 1.1956 1.6793 1.1471 0.2681  0.1088  0.0325  4 G   A N9     
76  C  C8     . G   A 4 ? 1.0421 1.5454 1.0060 0.2585  0.0930  0.0353  4 G   A C8     
77  N  N7     . G   A 4 ? 0.9834 1.5520 0.9840 0.2536  0.0827  0.0354  4 G   A N7     
78  C  C5     . G   A 4 ? 1.0548 1.6495 1.0685 0.2609  0.0921  0.0332  4 G   A C5     
79  C  C6     . G   A 4 ? 0.9480 1.6102 0.9984 0.2587  0.0883  0.0318  4 G   A C6     
80  O  O6     . G   A 4 ? 0.9204 1.6345 0.9997 0.2495  0.0747  0.0323  4 G   A O6     
81  N  N1     . G   A 4 ? 0.9924 1.6592 1.0438 0.2665  0.1030  0.0287  4 G   A N1     
82  C  C2     . G   A 4 ? 1.0660 1.6783 1.0859 0.2761  0.1200  0.0268  4 G   A C2     
83  N  N2     . G   A 4 ? 1.0113 1.6405 1.0385 0.2816  0.1337  0.0229  4 G   A N2     
84  N  N3     . G   A 4 ? 1.0954 1.6431 1.0799 0.2786  0.1236  0.0280  4 G   A N3     
85  C  C4     . G   A 4 ? 1.0929 1.6357 1.0766 0.2706  0.1091  0.0313  4 G   A C4     
86  P  P      . CSL A 5 ? 1.1969 1.4352 1.0217 0.1964  0.1019  0.0043  5 CSL A P      
87  O  O2P    . CSL A 5 ? 1.2230 1.3872 1.0041 0.1901  0.1105  -0.0005 5 CSL A O2P    
88  O  O1P    . CSL A 5 ? 1.2061 1.4744 1.0542 0.1827  0.0844  0.0044  5 CSL A O1P    
89  O  "O5'"  . CSL A 5 ? 1.1003 1.3743 0.9464 0.1835  0.0968  -0.0039 5 CSL A "O5'"  
90  C  "C5'"  . CSL A 5 ? 1.2310 1.4701 1.0514 0.1871  0.1114  -0.0077 5 CSL A "C5'"  
91  C  "C4'"  . CSL A 5 ? 1.1711 1.4461 1.0115 0.1732  0.1056  -0.0146 5 CSL A "C4'"  
92  O  "O4'"  . CSL A 5 ? 1.2602 1.6034 1.1382 0.1880  0.1060  -0.0081 5 CSL A "O4'"  
93  C  "C1'"  . CSL A 5 ? 1.3235 1.7079 1.2304 0.1657  0.0875  -0.0139 5 CSL A "C1'"  
94  N  N1     . CSL A 5 ? 1.2819 1.7331 1.2268 0.1782  0.0831  -0.0063 5 CSL A N1     
95  C  C2     . CSL A 5 ? 1.1910 1.6920 1.1596 0.1850  0.0884  -0.0055 5 CSL A C2     
96  O  O2     . CSL A 5 ? 1.2352 1.7199 1.1895 0.1861  0.1009  -0.0094 5 CSL A O2     
97  N  N3     . CSL A 5 ? 1.2009 1.7666 1.2063 0.1905  0.0808  -0.0003 5 CSL A N3     
98  C  C4     . CSL A 5 ? 1.1722 1.7516 1.1886 0.1902  0.0690  0.0042  5 CSL A C4     
99  N  N4     . CSL A 5 ? 1.1311 1.7736 1.1817 0.1933  0.0610  0.0085  5 CSL A N4     
100 C  C5     . CSL A 5 ? 1.0444 1.5725 1.0360 0.1848  0.0653  0.0038  5 CSL A C5     
101 C  C6     . CSL A 5 ? 1.2012 1.6672 1.1586 0.1789  0.0724  -0.0016 5 CSL A C6     
102 C  "C2'"  . CSL A 5 ? 1.3281 1.6780 1.2240 0.1442  0.0725  -0.0196 5 CSL A "C2'"  
103 SE "SE2'" . CSL A 5 ? 1.3436 1.7292 1.2698 0.1096  0.0479  -0.0313 5 CSL A "SE2'" 
104 C  "CA'"  . CSL A 5 ? 1.1257 1.5764 1.0964 0.1082  0.0325  -0.0278 5 CSL A "CA'"  
105 C  "C3'"  . CSL A 5 ? 1.1609 1.4431 1.0138 0.1415  0.0838  -0.0241 5 CSL A "C3'"  
106 O  "O3'"  . CSL A 5 ? 1.0708 1.3512 0.9190 0.1279  0.0837  -0.0315 5 CSL A "O3'"  
107 P  P      . A   A 6 ? 1.2944 1.5107 1.1044 0.1074  0.0817  -0.0408 6 A   A P      
108 O  OP1    . A   A 6 ? 1.3776 1.6014 1.1819 0.1067  0.0914  -0.0436 6 A   A OP1    
109 O  OP2    . A   A 6 ? 1.3536 1.5106 1.1277 0.1147  0.0917  -0.0392 6 A   A OP2    
110 O  "O5'"  . A   A 6 ? 1.1109 1.3346 0.9377 0.0787  0.0558  -0.0485 6 A   A "O5'"  
111 C  "C5'"  . A   A 6 ? 1.0353 1.2938 0.8842 0.0629  0.0432  -0.0533 6 A   A "C5'"  
112 C  "C4'"  . A   A 6 ? 1.0265 1.2609 0.8718 0.0348  0.0220  -0.0626 6 A   A "C4'"  
113 O  "O4'"  . A   A 6 ? 1.0048 1.2459 0.8682 0.0302  0.0097  -0.0635 6 A   A "O4'"  
114 C  "C3'"  . A   A 6 ? 1.0737 1.2412 0.8762 0.0222  0.0225  -0.0683 6 A   A "C3'"  
115 O  "O3'"  . A   A 6 ? 1.0890 1.2427 0.8716 0.0146  0.0267  -0.0713 6 A   A "O3'"  
116 C  "C2'"  . A   A 6 ? 1.1317 1.2884 0.9444 0.0003  -0.0011 -0.0754 6 A   A "C2'"  
117 O  "O2'"  . A   A 6 ? 1.0959 1.2741 0.9269 -0.0177 -0.0187 -0.0806 6 A   A "O2'"  
118 C  "C1'"  . A   A 6 ? 1.1409 1.3357 0.9860 0.0107  -0.0028 -0.0713 6 A   A "C1'"  
119 N  N9     . A   A 6 ? 1.0893 1.2485 0.9143 0.0188  0.0060  -0.0689 6 A   A N9     
120 C  C8     . A   A 6 ? 1.0685 1.2223 0.8806 0.0425  0.0258  -0.0602 6 A   A C8     
121 N  N7     . A   A 6 ? 1.0932 1.2092 0.8855 0.0438  0.0298  -0.0597 6 A   A N7     
122 C  C5     . A   A 6 ? 1.1198 1.2182 0.9143 0.0188  0.0116  -0.0693 6 A   A C5     
123 C  C6     . A   A 6 ? 1.1886 1.2492 0.9694 0.0066  0.0064  -0.0744 6 A   A C6     
124 N  N6     . A   A 6 ? 1.1684 1.1983 0.9264 0.0176  0.0203  -0.0698 6 A   A N6     
125 N  N1     . A   A 6 ? 1.2314 1.2866 1.0230 -0.0177 -0.0138 -0.0845 6 A   A N1     
126 C  C2     . A   A 6 ? 1.1764 1.2596 0.9890 -0.0278 -0.0279 -0.0883 6 A   A C2     
127 N  N3     . A   A 6 ? 1.1298 1.2469 0.9543 -0.0194 -0.0246 -0.0842 6 A   A N3     
128 C  C4     . A   A 6 ? 1.1105 1.2348 0.9257 0.0040  -0.0040 -0.0749 6 A   A C4     
129 P  P      . G   A 7 ? 1.3838 1.4720 1.1143 0.0139  0.0412  -0.0737 7 G   A P      
130 O  OP1    . G   A 7 ? 1.3908 1.4724 1.1080 -0.0028 0.0368  -0.0784 7 G   A OP1    
131 O  OP2    . G   A 7 ? 1.2451 1.3319 0.9668 0.0416  0.0664  -0.0667 7 G   A OP2    
132 O  "O5'"  . G   A 7 ? 1.1638 1.2026 0.8750 -0.0018 0.0272  -0.0789 7 G   A "O5'"  
133 C  "C5'"  . G   A 7 ? 1.1611 1.1808 0.8671 -0.0284 0.0047  -0.0865 7 G   A "C5'"  
134 C  "C4'"  . G   A 7 ? 1.1784 1.1685 0.8812 -0.0417 -0.0108 -0.0914 7 G   A "C4'"  
135 O  "O4'"  . G   A 7 ? 1.1962 1.2131 0.9269 -0.0302 -0.0096 -0.0881 7 G   A "O4'"  
136 C  "C3'"  . G   A 7 ? 1.2172 1.1415 0.8732 -0.0464 -0.0033 -0.0943 7 G   A "C3'"  
137 O  "O3'"  . G   A 7 ? 1.2488 1.1341 0.8715 -0.0642 -0.0099 -0.0995 7 G   A "O3'"  
138 C  "C2'"  . G   A 7 ? 1.2036 1.1227 0.8747 -0.0554 -0.0176 -0.0979 7 G   A "C2'"  
139 O  "O2'"  . G   A 7 ? 1.3192 1.2420 1.0062 -0.0785 -0.0447 -0.1051 7 G   A "O2'"  
140 C  "C1'"  . G   A 7 ? 1.2600 1.2359 0.9738 -0.0389 -0.0140 -0.0921 7 G   A "C1'"  
141 N  N9     . G   A 7 ? 1.3213 1.2856 1.0233 -0.0190 0.0061  -0.0859 7 G   A N9     
142 C  C8     . G   A 7 ? 1.1840 1.1661 0.8860 0.0068  0.0273  -0.0768 7 G   A C8     
143 N  N7     . G   A 7 ? 1.2060 1.1667 0.8941 0.0196  0.0400  -0.0724 7 G   A N7     
144 C  C5     . G   A 7 ? 1.2149 1.1425 0.8934 -0.0005 0.0272  -0.0797 7 G   A C5     
145 C  C6     . G   A 7 ? 1.2389 1.1324 0.9004 -0.0010 0.0323  -0.0798 7 G   A C6     
146 O  O6     . G   A 7 ? 1.2599 1.1416 0.9085 0.0175  0.0493  -0.0726 7 G   A O6     
147 N  N1     . G   A 7 ? 1.2394 1.1109 0.8994 -0.0261 0.0150  -0.0895 7 G   A N1     
148 C  C2     . G   A 7 ? 1.2201 1.1004 0.8936 -0.0468 -0.0060 -0.0975 7 G   A C2     
149 N  N2     . G   A 7 ? 1.2255 1.0826 0.8975 -0.0685 -0.0213 -0.1062 7 G   A N2     
150 N  N3     . G   A 7 ? 1.1994 1.1079 0.8865 -0.0467 -0.0120 -0.0968 7 G   A N3     
151 C  C4     . G   A 7 ? 1.2927 1.2238 0.9813 -0.0238 0.0060  -0.0881 7 G   A C4     
152 P  P      . C   A 8 ? 1.4475 1.2665 1.0130 -0.0642 0.0074  -0.1011 8 C   A P      
153 O  OP1    . C   A 8 ? 1.4036 1.1959 0.9412 -0.0836 -0.0019 -0.1057 8 C   A OP1    
154 O  OP2    . C   A 8 ? 1.3591 1.1811 0.9161 -0.0374 0.0368  -0.0947 8 C   A OP2    
155 O  "O5'"  . C   A 8 ? 1.3369 1.1229 0.8948 -0.0746 -0.0029 -0.1054 8 C   A "O5'"  
156 C  "C5'"  . C   A 8 ? 1.3336 1.1139 0.9021 -0.0988 -0.0314 -0.1122 8 C   A "C5'"  
157 C  "C4'"  . C   A 8 ? 1.3273 1.0776 0.8879 -0.1068 -0.0361 -0.1164 8 C   A "C4'"  
158 O  "O4'"  . C   A 8 ? 1.2973 1.0810 0.8897 -0.0912 -0.0284 -0.1123 8 C   A "O4'"  
159 C  "C3'"  . C   A 8 ? 1.3884 1.0756 0.8953 -0.1062 -0.0182 -0.1176 8 C   A "C3'"  
160 O  "O3'"  . C   A 8 ? 1.4417 1.0830 0.9099 -0.1267 -0.0278 -0.1234 8 C   A "O3'"  
161 C  "C2'"  . C   A 8 ? 1.3855 1.0659 0.9024 -0.1074 -0.0194 -0.1194 8 C   A "C2'"  
162 O  "O2'"  . C   A 8 ? 1.3794 1.0513 0.9057 -0.1323 -0.0455 -0.1278 8 C   A "O2'"  
163 C  "C1'"  . C   A 8 ? 1.3769 1.1204 0.9449 -0.0913 -0.0188 -0.1138 8 C   A "C1'"  
164 N  N1     . C   A 8 ? 1.3414 1.0876 0.9016 -0.0647 0.0081  -0.1051 8 C   A N1     
165 C  C2     . C   A 8 ? 1.3595 1.0832 0.9096 -0.0599 0.0180  -0.1040 8 C   A C2     
166 O  O2     . C   A 8 ? 1.3636 1.0689 0.9133 -0.0788 0.0048  -0.1110 8 C   A O2     
167 N  N3     . C   A 8 ? 1.3742 1.0961 0.9152 -0.0351 0.0412  -0.0955 8 C   A N3     
168 C  C4     . C   A 8 ? 1.3686 1.1146 0.9139 -0.0148 0.0545  -0.0887 8 C   A C4     
169 N  N4     . C   A 8 ? 1.3837 1.1298 0.9227 0.0113  0.0761  -0.0799 8 C   A N4     
170 C  C5     . C   A 8 ? 1.3481 1.1204 0.9056 -0.0204 0.0458  -0.0905 8 C   A C5     
171 C  C6     . C   A 8 ? 1.3363 1.1058 0.8991 -0.0457 0.0229  -0.0985 8 C   A C6     
172 O  "O5'"  . G   B 1 ? 1.6678 0.7078 1.6489 -0.0634 0.2665  -0.2215 1 G   B "O5'"  
173 C  "C5'"  . G   B 1 ? 1.6702 0.7353 1.7223 -0.1133 0.2532  -0.2566 1 G   B "C5'"  
174 C  "C4'"  . G   B 1 ? 1.6194 0.7628 1.6526 -0.1285 0.1933  -0.3126 1 G   B "C4'"  
175 O  "O4'"  . G   B 1 ? 1.6378 0.7620 1.6006 -0.1048 0.1747  -0.3533 1 G   B "O4'"  
176 C  "C3'"  . G   B 1 ? 1.4285 0.6710 1.4338 -0.1104 0.1601  -0.2769 1 G   B "C3'"  
177 O  "O3'"  . G   B 1 ? 1.6109 0.8978 1.6796 -0.1376 0.1615  -0.2561 1 G   B "O3'"  
178 C  "C2'"  . G   B 1 ? 1.4978 0.7925 1.4606 -0.1089 0.1091  -0.3342 1 G   B "C2'"  
179 O  "O2'"  . G   B 1 ? 1.5980 0.9216 1.6179 -0.1556 0.0848  -0.3918 1 G   B "O2'"  
180 C  "C1'"  . G   B 1 ? 1.6554 0.8712 1.5712 -0.0892 0.1249  -0.3626 1 G   B "C1'"  
181 N  N9     . G   B 1 ? 1.4703 0.6884 1.3115 -0.0358 0.1295  -0.3178 1 G   B N9     
182 C  C8     . G   B 1 ? 1.4911 0.6451 1.3141 -0.0061 0.1725  -0.2698 1 G   B C8     
183 N  N7     . G   B 1 ? 1.4507 0.6302 1.2122 0.0370  0.1647  -0.2378 1 G   B N7     
184 C  C5     . G   B 1 ? 1.4008 0.6617 1.1377 0.0369  0.1164  -0.2644 1 G   B C5     
185 C  C6     . G   B 1 ? 1.4277 0.7455 1.1065 0.0738  0.0914  -0.2461 1 G   B C6     
186 O  O6     . G   B 1 ? 1.5762 0.8867 1.2156 0.1124  0.1048  -0.2030 1 G   B O6     
187 N  N1     . G   B 1 ? 1.3467 0.7395 1.0206 0.0634  0.0480  -0.2799 1 G   B N1     
188 C  C2     . G   B 1 ? 1.4385 0.8543 1.1590 0.0212  0.0282  -0.3269 1 G   B C2     
189 N  N2     . G   B 1 ? 1.2936 0.7907 1.0025 0.0205  -0.0132 -0.3507 1 G   B N2     
190 N  N3     . G   B 1 ? 1.3787 0.7449 1.1576 -0.0170 0.0488  -0.3469 1 G   B N3     
191 C  C4     . G   B 1 ? 1.4130 0.7001 1.1965 -0.0065 0.0940  -0.3134 1 G   B C4     
192 P  P      . C   B 2 ? 1.4510 0.7987 1.5015 -0.1122 0.1614  -0.1871 2 C   B P      
193 O  OP1    . C   B 2 ? 1.4771 0.8395 1.6062 -0.1456 0.1780  -0.1735 2 C   B OP1    
194 O  OP2    . C   B 2 ? 1.4731 0.7811 1.4731 -0.0701 0.1891  -0.1356 2 C   B OP2    
195 O  "O5'"  . C   B 2 ? 1.2276 0.6624 1.2341 -0.1009 0.1085  -0.2079 2 C   B "O5'"  
196 C  "C5'"  . C   B 2 ? 1.2339 0.7168 1.2709 -0.1319 0.0730  -0.2639 2 C   B "C5'"  
197 C  "C4'"  . C   B 2 ? 1.3447 0.8996 1.3260 -0.1086 0.0290  -0.2775 2 C   B "C4'"  
198 O  "O4'"  . C   B 2 ? 1.4208 0.9410 1.3353 -0.0793 0.0239  -0.2960 2 C   B "O4'"  
199 C  "C3'"  . C   B 2 ? 1.1983 0.8044 1.1492 -0.0795 0.0249  -0.2224 2 C   B "C3'"  
200 O  "O3'"  . C   B 2 ? 1.4001 1.0638 1.3996 -0.0999 0.0183  -0.2100 2 C   B "O3'"  
201 C  "C2'"  . C   B 2 ? 1.2335 0.8788 1.1207 -0.0497 -0.0083 -0.2398 2 C   B "C2'"  
202 O  "O2'"  . C   B 2 ? 1.4196 1.1336 1.3254 -0.0665 -0.0447 -0.2800 2 C   B "O2'"  
203 C  "C1'"  . C   B 2 ? 1.2880 0.8636 1.1453 -0.0426 0.0014  -0.2726 2 C   B "C1'"  
204 N  N1     . C   B 2 ? 1.2814 0.8102 1.0911 -0.0055 0.0270  -0.2292 2 C   B N1     
205 C  C2     . C   B 2 ? 1.2400 0.8044 0.9924 0.0327  0.0111  -0.2086 2 C   B C2     
206 O  O2     . C   B 2 ? 1.3329 0.9630 1.0730 0.0363  -0.0218 -0.2271 2 C   B O2     
207 N  N3     . C   B 2 ? 1.1568 0.6869 0.8734 0.0649  0.0331  -0.1670 2 C   B N3     
208 C  C4     . C   B 2 ? 1.3073 0.7706 1.0405 0.0622  0.0702  -0.1453 2 C   B C4     
209 N  N4     . C   B 2 ? 1.3024 0.7388 1.0027 0.0956  0.0912  -0.1026 2 C   B N4     
210 C  C5     . C   B 2 ? 1.3717 0.7935 1.1609 0.0261  0.0900  -0.1639 2 C   B C5     
211 C  C6     . C   B 2 ? 1.3058 0.7613 1.1340 -0.0085 0.0675  -0.2065 2 C   B C6     
212 P  P      . A   B 3 ? 1.3731 1.0600 1.3668 -0.0825 0.0350  -0.1471 3 A   B P      
213 O  OP1    . A   B 3 ? 1.5036 1.2452 1.5550 -0.1087 0.0281  -0.1494 3 A   B OP1    
214 O  OP2    . A   B 3 ? 1.3090 0.9325 1.2921 -0.0686 0.0741  -0.1047 3 A   B OP2    
215 O  "O5'"  . A   B 3 ? 1.1669 0.8946 1.0936 -0.0454 0.0105  -0.1339 3 A   B "O5'"  
216 C  "C5'"  . A   B 3 ? 1.1367 0.9357 1.0573 -0.0425 -0.0243 -0.1548 3 A   B "C5'"  
217 C  "C4'"  . A   B 3 ? 1.1371 0.9795 1.0353 -0.0203 -0.0273 -0.1143 3 A   B "C4'"  
218 O  "O4'"  . A   B 3 ? 1.1052 0.9195 0.9499 0.0112  -0.0185 -0.0840 3 A   B "O4'"  
219 C  "C3'"  . A   B 3 ? 1.1090 0.9607 1.0440 -0.0335 -0.0068 -0.0823 3 A   B "C3'"  
220 O  "O3'"  . A   B 3 ? 1.3343 1.2478 1.2640 -0.0232 -0.0227 -0.0720 3 A   B "O3'"  
221 C  "C2'"  . A   B 3 ? 1.1029 0.9076 1.0054 -0.0144 0.0191  -0.0410 3 A   B "C2'"  
222 O  "O2'"  . A   B 3 ? 1.2822 1.1044 1.1872 -0.0101 0.0331  -0.0040 3 A   B "O2'"  
223 C  "C1'"  . A   B 3 ? 1.0455 0.8544 0.8914 0.0156  0.0018  -0.0407 3 A   B "C1'"  
224 N  N9     . A   B 3 ? 1.0253 0.7864 0.8377 0.0355  0.0201  -0.0138 3 A   B N9     
225 C  C8     . A   B 3 ? 1.0391 0.7473 0.8615 0.0321  0.0499  0.0053  3 A   B C8     
226 N  N7     . A   B 3 ? 0.9717 0.6551 0.7571 0.0577  0.0593  0.0317  3 A   B N7     
227 C  C5     . A   B 3 ? 1.0056 0.7268 0.7574 0.0765  0.0340  0.0283  3 A   B C5     
228 C  C6     . A   B 3 ? 1.1105 0.8332 0.8227 0.1054  0.0296  0.0492  3 A   B C6     
229 N  N6     . A   B 3 ? 1.0661 0.7538 0.7633 0.1214  0.0499  0.0791  3 A   B N6     
230 N  N1     . A   B 3 ? 1.0911 0.8550 0.7841 0.1187  0.0061  0.0420  3 A   B N1     
231 C  C2     . A   B 3 ? 1.1130 0.9156 0.8223 0.1061  -0.0119 0.0166  3 A   B C2     
232 N  N3     . A   B 3 ? 1.1353 0.9459 0.8810 0.0795  -0.0123 -0.0049 3 A   B N3     
233 C  C4     . A   B 3 ? 1.0319 0.7990 0.7989 0.0643  0.0113  0.0015  3 A   B C4     
234 P  P      . G   B 4 ? 1.4798 1.4590 1.4382 -0.0344 -0.0518 -0.1064 4 G   B P      
235 O  OP1    . G   B 4 ? 1.3491 1.3588 1.2615 -0.0069 -0.0771 -0.1171 4 G   B OP1    
236 O  OP2    . G   B 4 ? 1.5056 1.4723 1.5176 -0.0692 -0.0506 -0.1392 4 G   B OP2    
237 O  "O5'"  . G   B 4 ? 1.4761 1.5008 1.4642 -0.0379 -0.0443 -0.0808 4 G   B "O5'"  
238 C  "C5'"  . G   B 4 ? 1.4073 1.4148 1.4372 -0.0575 -0.0171 -0.0613 4 G   B "C5'"  
239 C  "C4'"  . G   B 4 ? 1.1850 1.2161 1.2026 -0.0417 -0.0052 -0.0260 4 G   B "C4'"  
240 O  "O4'"  . G   B 4 ? 1.1074 1.2058 1.1488 -0.0410 -0.0220 -0.0347 4 G   B "O4'"  
241 C  "C3'"  . G   B 4 ? 1.1806 1.1950 1.1332 -0.0114 -0.0074 -0.0069 4 G   B "C3'"  
242 O  "O3'"  . G   B 4 ? 1.2651 1.2337 1.1998 -0.0080 0.0175  0.0209  4 G   B "O3'"  
243 C  "C2'"  . G   B 4 ? 1.0881 1.1513 1.0346 0.0033  -0.0135 0.0041  4 G   B "C2'"  
244 O  "O2'"  . G   B 4 ? 1.1980 1.2538 1.1458 0.0039  0.0105  0.0319  4 G   B "O2'"  
245 C  "C1'"  . G   B 4 ? 1.0219 1.1389 1.0203 -0.0125 -0.0275 -0.0183 4 G   B "C1'"  
246 N  N9     . G   B 4 ? 1.0760 1.2336 1.0634 -0.0005 -0.0569 -0.0417 4 G   B N9     
247 C  C8     . G   B 4 ? 1.0699 1.2413 1.0764 -0.0148 -0.0776 -0.0772 4 G   B C8     
248 N  N7     . G   B 4 ? 1.0794 1.2951 1.0685 0.0028  -0.1023 -0.0921 4 G   B N7     
249 C  C5     . G   B 4 ? 1.0190 1.2495 0.9824 0.0299  -0.0953 -0.0626 4 G   B C5     
250 C  C6     . G   B 4 ? 1.0088 1.2834 0.9494 0.0599  -0.1090 -0.0574 4 G   B C6     
251 O  O6     . G   B 4 ? 1.0805 1.3955 1.0120 0.0733  -0.1312 -0.0750 4 G   B O6     
252 N  N1     . G   B 4 ? 1.0797 1.3474 1.0042 0.0783  -0.0917 -0.0262 4 G   B N1     
253 C  C2     . G   B 4 ? 1.0793 1.3069 1.0029 0.0695  -0.0680 -0.0063 4 G   B C2     
254 N  N2     . G   B 4 ? 1.1160 1.3425 1.0202 0.0894  -0.0562 0.0162  4 G   B N2     
255 N  N3     . G   B 4 ? 1.0368 1.2290 0.9761 0.0453  -0.0557 -0.0079 4 G   B N3     
256 C  C4     . G   B 4 ? 1.0452 1.2395 1.0073 0.0262  -0.0687 -0.0348 4 G   B C4     
257 P  P      . CSL B 5 ? 1.4067 1.3429 1.2845 0.0153  0.0172  0.0370  5 CSL B P      
258 O  O2P    . CSL B 5 ? 1.4457 1.3385 1.3182 0.0146  0.0440  0.0633  5 CSL B O2P    
259 O  O1P    . CSL B 5 ? 1.4126 1.3437 1.2742 0.0220  -0.0034 0.0120  5 CSL B O1P    
260 O  "O5'"  . CSL B 5 ? 1.3718 1.3365 1.2225 0.0322  0.0153  0.0559  5 CSL B "O5'"  
261 C  "C5'"  . CSL B 5 ? 1.2452 1.2288 1.0750 0.0471  -0.0072 0.0428  5 CSL B "C5'"  
262 C  "C4'"  . CSL B 5 ? 1.0918 1.0961 0.9000 0.0624  -0.0079 0.0574  5 CSL B "C4'"  
263 O  "O4'"  . CSL B 5 ? 1.0711 1.1172 0.8927 0.0687  -0.0227 0.0434  5 CSL B "O4'"  
264 C  "C1'"  . CSL B 5 ? 0.9617 1.0076 0.7591 0.0859  -0.0379 0.0381  5 CSL B "C1'"  
265 N  N1     . CSL B 5 ? 1.1029 1.1777 0.9187 0.0841  -0.0545 0.0136  5 CSL B N1     
266 C  C2     . CSL B 5 ? 1.1428 1.2609 0.9576 0.1026  -0.0665 0.0114  5 CSL B C2     
267 O  O2     . CSL B 5 ? 1.1507 1.2724 0.9527 0.1178  -0.0600 0.0297  5 CSL B O2     
268 N  N3     . CSL B 5 ? 1.0992 1.2539 0.9266 0.1040  -0.0846 -0.0113 5 CSL B N3     
269 C  C4     . CSL B 5 ? 1.0399 1.1847 0.8819 0.0841  -0.0920 -0.0366 5 CSL B C4     
270 N  N4     . CSL B 5 ? 1.0584 1.2410 0.9054 0.0869  -0.1134 -0.0633 5 CSL B N4     
271 C  C5     . CSL B 5 ? 1.0543 1.1473 0.9034 0.0627  -0.0765 -0.0351 5 CSL B C5     
272 C  C6     . CSL B 5 ? 1.1209 1.1828 0.9557 0.0656  -0.0575 -0.0071 5 CSL B C6     
273 C  "C2'"  . CSL B 5 ? 1.0573 1.0567 0.8309 0.0857  -0.0312 0.0478  5 CSL B "C2'"  
274 SE "SE2'" . CSL B 5 ? 1.1703 1.1642 0.9055 0.1141  -0.0431 0.0570  5 CSL B "SE2'" 
275 C  "CA'"  . CSL B 5 ? 1.0977 1.1131 0.8363 0.1230  -0.0615 0.0286  5 CSL B "CA'"  
276 C  "C3'"  . CSL B 5 ? 1.0848 1.0710 0.8528 0.0803  -0.0136 0.0689  5 CSL B "C3'"  
277 O  "O3'"  . CSL B 5 ? 1.2224 1.2246 0.9754 0.0909  -0.0141 0.0780  5 CSL B "O3'"  
278 P  P      . A   B 6 ? 1.2632 1.2478 0.9876 0.0938  -0.0045 0.0971  6 A   B P      
279 O  OP1    . A   B 6 ? 1.5022 1.5035 1.2201 0.1008  -0.0051 0.0963  6 A   B OP1    
280 O  OP2    . A   B 6 ? 1.1480 1.1159 0.8760 0.0830  0.0121  0.1075  6 A   B OP2    
281 O  "O5'"  . A   B 6 ? 1.1520 1.1208 0.8532 0.1053  -0.0144 0.1053  6 A   B "O5'"  
282 C  "C5'"  . A   B 6 ? 0.9112 0.8917 0.6073 0.1184  -0.0260 0.1035  6 A   B "C5'"  
283 C  "C4'"  . A   B 6 ? 1.1975 1.1680 0.9041 0.1132  -0.0285 0.1081  6 A   B "C4'"  
284 O  "O4'"  . A   B 6 ? 1.1641 1.1180 0.8647 0.1190  -0.0286 0.1120  6 A   B "O4'"  
285 C  "C3'"  . A   B 6 ? 1.2458 1.2115 0.9464 0.1027  -0.0241 0.1169  6 A   B "C3'"  
286 O  "O3'"  . A   B 6 ? 1.3150 1.2913 1.0170 0.0982  -0.0266 0.1119  6 A   B "O3'"  
287 C  "C2'"  . A   B 6 ? 1.2887 1.2474 0.9982 0.1019  -0.0270 0.1246  6 A   B "C2'"  
288 O  "O2'"  . A   B 6 ? 1.1791 1.1482 0.9069 0.1001  -0.0349 0.1215  6 A   B "O2'"  
289 C  "C1'"  . A   B 6 ? 1.2262 1.1708 0.9304 0.1131  -0.0249 0.1235  6 A   B "C1'"  
290 N  N9     . A   B 6 ? 1.2041 1.1248 0.8884 0.1159  -0.0129 0.1358  6 A   B N9     
291 C  C8     . A   B 6 ? 1.0792 0.9891 0.7584 0.1124  -0.0041 0.1323  6 A   B C8     
292 N  N7     . A   B 6 ? 1.0613 0.9465 0.7444 0.1078  0.0119  0.1428  6 A   B N7     
293 C  C5     . A   B 6 ? 1.1016 0.9785 0.7678 0.1202  0.0130  0.1634  6 A   B C5     
294 C  C6     . A   B 6 ? 1.2220 1.0784 0.8910 0.1232  0.0285  0.1819  6 A   B C6     
295 N  N6     . A   B 6 ? 1.2437 1.0694 0.9170 0.1203  0.0513  0.1926  6 A   B N6     
296 N  N1     . A   B 6 ? 1.2460 1.1203 0.9311 0.1235  0.0210  0.1840  6 A   B N1     
297 C  C2     . A   B 6 ? 1.2254 1.1275 0.9236 0.1186  0.0022  0.1701  6 A   B C2     
298 N  N3     . A   B 6 ? 1.1642 1.0815 0.8657 0.1145  -0.0097 0.1538  6 A   B N3     
299 C  C4     . A   B 6 ? 1.1755 1.0819 0.8604 0.1165  -0.0045 0.1504  6 A   B C4     
300 P  P      . G   B 7 ? 1.3881 1.3652 1.0684 0.0919  -0.0203 0.1141  7 G   B P      
301 O  OP1    . G   B 7 ? 1.3939 1.3769 1.0700 0.0917  -0.0241 0.1052  7 G   B OP1    
302 O  OP2    . G   B 7 ? 1.3705 1.3439 1.0376 0.0950  -0.0066 0.1188  7 G   B OP2    
303 O  "O5'"  . G   B 7 ? 1.1642 1.1399 0.8425 0.0858  -0.0244 0.1245  7 G   B "O5'"  
304 C  "C5'"  . G   B 7 ? 1.1689 1.1508 0.8583 0.0823  -0.0364 0.1247  7 G   B "C5'"  
305 C  "C4'"  . G   B 7 ? 1.1957 1.1786 0.8835 0.0798  -0.0389 0.1371  7 G   B "C4'"  
306 O  "O4'"  . G   B 7 ? 1.3221 1.2934 1.0224 0.0860  -0.0325 0.1449  7 G   B "O4'"  
307 C  "C3'"  . G   B 7 ? 1.2825 1.2685 0.9470 0.0786  -0.0328 0.1443  7 G   B "C3'"  
308 O  "O3'"  . G   B 7 ? 1.3443 1.3436 0.9889 0.0735  -0.0419 0.1385  7 G   B "O3'"  
309 C  "C2'"  . G   B 7 ? 1.3601 1.3421 1.0320 0.0831  -0.0294 0.1602  7 G   B "C2'"  
310 O  "O2'"  . G   B 7 ? 1.4881 1.4812 1.1652 0.0812  -0.0423 0.1632  7 G   B "O2'"  
311 C  "C1'"  . G   B 7 ? 1.3328 1.3001 1.0234 0.0884  -0.0244 0.1590  7 G   B "C1'"  
312 N  N9     . G   B 7 ? 1.2963 1.2485 0.9784 0.0936  -0.0088 0.1638  7 G   B N9     
313 C  C8     . G   B 7 ? 1.2052 1.1535 0.8815 0.0941  -0.0043 0.1552  7 G   B C8     
314 N  N7     . G   B 7 ? 1.2460 1.1775 0.9138 0.0990  0.0125  0.1664  7 G   B N7     
315 C  C5     . G   B 7 ? 1.2011 1.1228 0.8714 0.1027  0.0214  0.1834  7 G   B C5     
316 C  C6     . G   B 7 ? 1.1612 1.0582 0.8302 0.1087  0.0452  0.2039  7 G   B C6     
317 O  O6     . G   B 7 ? 1.2679 1.1426 0.9339 0.1091  0.0648  0.2125  7 G   B O6     
318 N  N1     . G   B 7 ? 1.0588 0.9557 0.7348 0.1140  0.0486  0.2171  7 G   B N1     
319 C  C2     . G   B 7 ? 1.1282 1.0479 0.8091 0.1127  0.0304  0.2119  7 G   B C2     
320 N  N2     . G   B 7 ? 1.2079 1.1285 0.8944 0.1206  0.0373  0.2278  7 G   B N2     
321 N  N3     . G   B 7 ? 1.0823 1.0211 0.7650 0.1047  0.0096  0.1946  7 G   B N3     
322 C  C4     . G   B 7 ? 1.1389 1.0765 0.8171 0.1003  0.0069  0.1810  7 G   B C4     
323 P  P      . C   B 8 ? 1.4699 1.4754 1.0824 0.0742  -0.0338 0.1379  8 C   B P      
324 O  OP1    . C   B 8 ? 1.6622 1.6825 1.2524 0.0690  -0.0489 0.1286  8 C   B OP1    
325 O  OP2    . C   B 8 ? 1.4139 1.4109 1.0217 0.0776  -0.0185 0.1327  8 C   B OP2    
326 O  "O5'"  . C   B 8 ? 1.3561 1.3624 0.9678 0.0804  -0.0255 0.1579  8 C   B "O5'"  
327 C  "C5'"  . C   B 8 ? 1.2775 1.2964 0.8876 0.0816  -0.0362 0.1664  8 C   B "C5'"  
328 C  "C4'"  . C   B 8 ? 1.2723 1.2911 0.8853 0.0922  -0.0223 0.1877  8 C   B "C4'"  
329 O  "O4'"  . C   B 8 ? 1.3630 1.3605 0.9992 0.0957  -0.0094 0.1941  8 C   B "O4'"  
330 C  "C3'"  . C   B 8 ? 1.2833 1.3076 0.8746 0.0996  -0.0064 0.1970  8 C   B "C3'"  
331 O  "O3'"  . C   B 8 ? 1.4181 1.4664 0.9813 0.1019  -0.0155 0.1964  8 C   B "O3'"  
332 C  "C2'"  . C   B 8 ? 1.3824 1.3967 0.9914 0.1110  0.0123  0.2201  8 C   B "C2'"  
333 O  "O2'"  . C   B 8 ? 1.3298 1.3613 0.9398 0.1192  0.0076  0.2341  8 C   B "O2'"  
334 C  "C1'"  . C   B 8 ? 1.4038 1.3955 1.0383 0.1062  0.0113  0.2136  8 C   B "C1'"  
335 N  N1     . C   B 8 ? 1.2960 1.2674 0.9348 0.1065  0.0283  0.2139  8 C   B N1     
336 C  C2     . C   B 8 ? 1.2612 1.2158 0.9087 0.1162  0.0525  0.2356  8 C   B C2     
337 O  O2     . C   B 8 ? 1.3017 1.2602 0.9539 0.1256  0.0583  0.2520  8 C   B O2     
338 N  N3     . C   B 8 ? 1.2419 1.1749 0.8950 0.1158  0.0716  0.2400  8 C   B N3     
339 C  C4     . C   B 8 ? 1.2555 1.1890 0.9036 0.1082  0.0657  0.2235  8 C   B C4     
340 N  N4     . C   B 8 ? 1.2532 1.1665 0.9089 0.1075  0.0870  0.2315  8 C   B N4     
341 C  C5     . C   B 8 ? 1.1523 1.1050 0.7911 0.1009  0.0412  0.2005  8 C   B C5     
342 C  C6     . C   B 8 ? 1.1823 1.1509 0.8177 0.0992  0.0242  0.1968  8 C   B C6     
# 
